data_7EJJ
#
_entry.id   7EJJ
#
_cell.length_a   134.018
_cell.length_b   56.025
_cell.length_c   127.848
_cell.angle_alpha   90.000
_cell.angle_beta   104.294
_cell.angle_gamma   90.000
#
_symmetry.space_group_name_H-M   'C 1 2 1'
#
loop_
_entity.id
_entity.type
_entity.pdbx_description
1 polymer '3-alpha-(Or 20-beta)-hydroxysteroid dehydrogenase'
2 non-polymer 'methyl 2-methylprop-2-enoate'
3 non-polymer 'NADP NICOTINAMIDE-ADENINE-DINUCLEOTIDE PHOSPHATE'
4 non-polymer 'MAGNESIUM ION'
5 water water
#
_entity_poly.entity_id   1
_entity_poly.type   'polypeptide(L)'
_entity_poly.pdbx_seq_one_letter_code
;DRLKGKVAIVTGGTLGIGLAIADKFVEEGAKVVITGRHADVGEKAAKSIGGTDVIRFVQHDASDEAGWTKLFDTTEEAFG
PVTTVVNNAGIAVSKSVEDTTTEEWRKLLSVNLDGVFFGTRLGIQRMKNKGLGASIINMSSIEGLVGDPTQGAYNASKGA
VRIMSKSAALDCALKDYDVRVNTVHPGPIKTPLVDDLEGAEEMMSQRTKTPMGHIGEPNDIAWICVYLASDESKFATGAE
FVVDGGYTAQ
;
_entity_poly.pdbx_strand_id   A,B,C,D
#
loop_
_chem_comp.id
_chem_comp.type
_chem_comp.name
_chem_comp.formula
J69 non-polymer 'methyl 2-methylprop-2-enoate' 'C5 H8 O2'
MG non-polymer 'MAGNESIUM ION' 'Mg 2'
NAP non-polymer 'NADP NICOTINAMIDE-ADENINE-DINUCLEOTIDE PHOSPHATE' 'C21 H28 N7 O17 P3'
#
# COMPACT_ATOMS: atom_id res chain seq x y z
N ASP A 1 22.96 6.74 26.01
CA ASP A 1 21.68 6.20 26.47
C ASP A 1 21.01 5.26 25.44
N ARG A 2 20.02 5.71 24.66
CA ARG A 2 19.25 4.76 23.85
C ARG A 2 20.06 4.11 22.72
N LEU A 3 21.19 4.71 22.34
CA LEU A 3 22.06 4.17 21.30
C LEU A 3 23.44 3.84 21.86
N LYS A 4 23.50 3.41 23.12
CA LYS A 4 24.78 3.12 23.75
C LYS A 4 25.56 2.11 22.93
N GLY A 5 26.84 2.41 22.68
CA GLY A 5 27.71 1.50 21.94
C GLY A 5 27.57 1.52 20.43
N LYS A 6 26.52 2.13 19.88
CA LYS A 6 26.34 2.13 18.44
C LYS A 6 27.36 3.05 17.78
N VAL A 7 27.69 2.72 16.53
CA VAL A 7 28.66 3.44 15.71
C VAL A 7 28.00 3.66 14.35
N ALA A 8 27.70 4.91 14.02
CA ALA A 8 26.81 5.21 12.90
C ALA A 8 27.51 6.02 11.81
N ILE A 9 27.24 5.67 10.56
CA ILE A 9 27.55 6.53 9.41
C ILE A 9 26.25 7.19 8.95
N VAL A 10 26.27 8.50 8.80
CA VAL A 10 25.12 9.26 8.32
C VAL A 10 25.57 10.03 7.08
N THR A 11 25.11 9.62 5.90
CA THR A 11 25.50 10.33 4.69
C THR A 11 24.66 11.60 4.53
N GLY A 12 25.27 12.63 3.97
CA GLY A 12 24.61 13.93 3.97
C GLY A 12 24.24 14.36 5.38
N GLY A 13 25.19 14.25 6.30
CA GLY A 13 24.86 14.53 7.69
C GLY A 13 25.28 15.91 8.15
N THR A 14 25.49 16.84 7.22
CA THR A 14 26.06 18.13 7.56
C THR A 14 25.05 19.27 7.53
N LEU A 15 23.88 19.05 6.92
CA LEU A 15 22.80 20.03 6.88
C LEU A 15 21.48 19.29 7.09
N GLY A 16 20.46 20.05 7.51
CA GLY A 16 19.08 19.59 7.37
C GLY A 16 18.76 18.34 8.17
N ILE A 17 18.07 17.40 7.52
CA ILE A 17 17.63 16.17 8.19
C ILE A 17 18.83 15.40 8.70
N GLY A 18 19.84 15.17 7.86
CA GLY A 18 20.99 14.39 8.27
C GLY A 18 21.71 15.00 9.47
N LEU A 19 21.83 16.33 9.49
CA LEU A 19 22.48 16.99 10.61
C LEU A 19 21.74 16.70 11.90
N ALA A 20 20.40 16.70 11.86
CA ALA A 20 19.61 16.46 13.06
C ALA A 20 19.71 15.00 13.50
N ILE A 21 19.72 14.08 12.54
CA ILE A 21 19.96 12.67 12.86
C ILE A 21 21.28 12.52 13.60
N ALA A 22 22.35 13.11 13.05
CA ALA A 22 23.66 13.06 13.71
C ALA A 22 23.59 13.65 15.10
N ASP A 23 22.94 14.81 15.23
CA ASP A 23 22.82 15.47 16.53
C ASP A 23 22.15 14.56 17.56
N LYS A 24 21.00 13.98 17.21
CA LYS A 24 20.30 13.16 18.20
C LYS A 24 20.97 11.81 18.42
N PHE A 25 21.63 11.26 17.39
CA PHE A 25 22.42 10.03 17.58
C PHE A 25 23.52 10.24 18.62
N VAL A 26 24.25 11.36 18.53
CA VAL A 26 25.31 11.65 19.51
C VAL A 26 24.71 11.85 20.89
N GLU A 27 23.59 12.57 20.98
CA GLU A 27 22.90 12.77 22.25
C GLU A 27 22.54 11.46 22.92
N GLU A 28 22.22 10.43 22.13
CA GLU A 28 21.81 9.13 22.66
C GLU A 28 22.98 8.16 22.82
N GLY A 29 24.22 8.63 22.70
CA GLY A 29 25.37 7.80 23.02
C GLY A 29 26.10 7.18 21.85
N ALA A 30 25.62 7.38 20.62
CA ALA A 30 26.30 6.84 19.45
C ALA A 30 27.56 7.65 19.12
N LYS A 31 28.52 6.97 18.50
CA LYS A 31 29.62 7.62 17.80
C LYS A 31 29.20 7.78 16.35
N VAL A 32 29.50 8.93 15.74
CA VAL A 32 28.94 9.23 14.43
C VAL A 32 30.00 9.74 13.48
N VAL A 33 29.97 9.27 12.23
CA VAL A 33 30.67 9.92 11.14
C VAL A 33 29.61 10.48 10.18
N ILE A 34 29.70 11.79 9.89
CA ILE A 34 28.83 12.46 8.92
C ILE A 34 29.61 12.72 7.64
N THR A 35 28.94 12.59 6.50
CA THR A 35 29.55 12.87 5.20
C THR A 35 28.80 13.99 4.51
N GLY A 36 29.49 14.59 3.54
CA GLY A 36 28.95 15.59 2.64
C GLY A 36 30.06 15.92 1.67
N ARG A 37 29.69 16.68 0.63
CA ARG A 37 30.69 17.04 -0.38
C ARG A 37 31.51 18.26 0.04
N HIS A 38 30.93 19.16 0.81
CA HIS A 38 31.54 20.45 1.12
C HIS A 38 32.22 20.37 2.48
N ALA A 39 33.55 20.37 2.48
CA ALA A 39 34.32 20.19 3.71
C ALA A 39 34.17 21.37 4.65
N ASP A 40 34.03 22.59 4.10
CA ASP A 40 33.79 23.76 4.94
C ASP A 40 32.56 23.55 5.80
N VAL A 41 31.45 23.21 5.17
CA VAL A 41 30.21 22.92 5.88
C VAL A 41 30.40 21.76 6.84
N GLY A 42 31.08 20.71 6.38
CA GLY A 42 31.13 19.46 7.15
C GLY A 42 31.93 19.57 8.42
N GLU A 43 33.11 20.21 8.35
CA GLU A 43 33.93 20.35 9.55
C GLU A 43 33.22 21.21 10.58
N LYS A 44 32.51 22.22 10.12
CA LYS A 44 31.75 23.10 11.04
C LYS A 44 30.60 22.29 11.67
N ALA A 45 29.92 21.52 10.83
CA ALA A 45 28.79 20.74 11.33
C ALA A 45 29.22 19.78 12.43
N ALA A 46 30.33 19.05 12.22
CA ALA A 46 30.78 18.12 13.24
C ALA A 46 31.07 18.84 14.56
N LYS A 47 31.84 19.92 14.49
CA LYS A 47 32.19 20.65 15.72
C LYS A 47 30.95 21.21 16.40
N SER A 48 29.92 21.59 15.63
CA SER A 48 28.70 22.11 16.24
C SER A 48 27.98 21.07 17.10
N ILE A 49 28.24 19.79 16.88
CA ILE A 49 27.59 18.73 17.62
C ILE A 49 28.46 18.23 18.77
N GLY A 50 29.75 18.04 18.53
CA GLY A 50 30.63 17.57 19.58
C GLY A 50 32.07 17.49 19.13
N GLY A 51 32.90 16.96 20.02
CA GLY A 51 34.31 16.75 19.74
C GLY A 51 34.53 15.48 18.96
N THR A 52 35.80 15.24 18.61
CA THR A 52 36.15 14.10 17.77
C THR A 52 36.09 12.78 18.53
N ASP A 53 35.88 12.82 19.85
CA ASP A 53 35.60 11.60 20.57
C ASP A 53 34.21 11.04 20.27
N VAL A 54 33.30 11.86 19.75
CA VAL A 54 31.95 11.39 19.47
C VAL A 54 31.50 11.61 18.02
N ILE A 55 32.09 12.53 17.27
CA ILE A 55 31.62 12.77 15.90
C ILE A 55 32.78 13.29 15.04
N ARG A 56 32.82 12.84 13.80
CA ARG A 56 33.81 13.28 12.82
C ARG A 56 33.15 13.41 11.46
N PHE A 57 33.70 14.29 10.62
CA PHE A 57 33.26 14.50 9.25
C PHE A 57 34.21 13.80 8.28
N VAL A 58 33.64 13.19 7.24
CA VAL A 58 34.43 12.63 6.15
C VAL A 58 33.88 13.17 4.84
N GLN A 59 34.73 13.81 4.04
CA GLN A 59 34.31 14.33 2.76
C GLN A 59 34.09 13.17 1.80
N HIS A 60 32.85 12.99 1.34
CA HIS A 60 32.54 11.85 0.49
C HIS A 60 31.24 12.11 -0.26
N ASP A 61 31.29 11.95 -1.57
CA ASP A 61 30.10 11.95 -2.41
C ASP A 61 29.50 10.54 -2.40
N ALA A 62 28.22 10.44 -2.03
CA ALA A 62 27.59 9.13 -1.89
C ALA A 62 27.57 8.36 -3.20
N SER A 63 27.72 9.04 -4.34
CA SER A 63 27.74 8.33 -5.61
C SER A 63 29.09 7.72 -5.93
N ASP A 64 30.10 7.96 -5.09
CA ASP A 64 31.48 7.54 -5.32
C ASP A 64 31.67 6.17 -4.66
N GLU A 65 31.65 5.11 -5.47
CA GLU A 65 31.67 3.75 -4.95
C GLU A 65 32.97 3.45 -4.19
N ALA A 66 34.11 3.82 -4.78
CA ALA A 66 35.39 3.54 -4.13
C ALA A 66 35.51 4.26 -2.80
N GLY A 67 34.99 5.48 -2.72
CA GLY A 67 35.03 6.21 -1.46
C GLY A 67 34.25 5.57 -0.35
N TRP A 68 33.22 4.80 -0.69
CA TRP A 68 32.45 4.09 0.33
C TRP A 68 33.33 3.14 1.12
N THR A 69 34.23 2.43 0.43
CA THR A 69 35.15 1.54 1.13
C THR A 69 36.05 2.32 2.09
N LYS A 70 36.64 3.42 1.61
CA LYS A 70 37.49 4.23 2.47
C LYS A 70 36.70 4.80 3.65
N LEU A 71 35.42 5.12 3.43
CA LEU A 71 34.58 5.70 4.49
C LEU A 71 34.38 4.71 5.63
N PHE A 72 34.06 3.45 5.32
CA PHE A 72 33.92 2.45 6.38
C PHE A 72 35.26 2.22 7.08
N ASP A 73 36.36 2.14 6.31
CA ASP A 73 37.68 1.97 6.91
C ASP A 73 37.99 3.09 7.90
N THR A 74 37.77 4.34 7.48
CA THR A 74 38.03 5.48 8.35
C THR A 74 37.16 5.44 9.60
N THR A 75 35.88 5.07 9.46
CA THR A 75 35.00 5.01 10.61
C THR A 75 35.41 3.90 11.57
N GLU A 76 35.78 2.73 11.05
CA GLU A 76 36.25 1.65 11.92
C GLU A 76 37.48 2.08 12.70
N GLU A 77 38.41 2.76 12.05
CA GLU A 77 39.63 3.16 12.74
C GLU A 77 39.34 4.19 13.81
N ALA A 78 38.34 5.04 13.57
CA ALA A 78 38.01 6.06 14.55
C ALA A 78 37.26 5.48 15.74
N PHE A 79 36.29 4.61 15.48
CA PHE A 79 35.29 4.27 16.48
C PHE A 79 35.04 2.78 16.68
N GLY A 80 35.65 1.90 15.91
CA GLY A 80 35.33 0.50 15.99
C GLY A 80 34.27 0.10 14.99
N PRO A 81 33.85 -1.17 15.01
CA PRO A 81 32.97 -1.68 13.96
C PRO A 81 31.68 -0.89 13.82
N VAL A 82 31.34 -0.55 12.57
CA VAL A 82 30.11 0.18 12.28
C VAL A 82 28.91 -0.68 12.59
N THR A 83 27.89 -0.09 13.23
CA THR A 83 26.66 -0.78 13.58
C THR A 83 25.43 -0.23 12.88
N THR A 84 25.52 0.94 12.27
CA THR A 84 24.34 1.69 11.89
C THR A 84 24.70 2.48 10.65
N VAL A 85 23.93 2.35 9.58
CA VAL A 85 24.14 3.13 8.37
C VAL A 85 22.85 3.87 8.04
N VAL A 86 22.95 5.20 7.89
CA VAL A 86 21.80 6.01 7.48
C VAL A 86 22.13 6.56 6.09
N ASN A 87 21.46 6.01 5.07
CA ASN A 87 21.66 6.45 3.68
C ASN A 87 20.71 7.62 3.44
N ASN A 88 21.18 8.81 3.79
CA ASN A 88 20.34 10.00 3.81
C ASN A 88 20.66 10.99 2.69
N ALA A 89 21.90 11.02 2.19
CA ALA A 89 22.26 11.96 1.13
C ALA A 89 21.32 11.80 -0.06
N GLY A 90 20.88 12.93 -0.60
CA GLY A 90 19.94 12.91 -1.71
C GLY A 90 19.71 14.31 -2.23
N ILE A 91 19.30 14.38 -3.51
CA ILE A 91 19.09 15.63 -4.22
C ILE A 91 17.77 15.56 -4.99
N ALA A 92 17.30 16.71 -5.43
CA ALA A 92 16.05 16.81 -6.17
C ALA A 92 16.28 17.49 -7.51
N VAL A 93 15.28 17.42 -8.37
CA VAL A 93 15.30 18.19 -9.61
C VAL A 93 13.86 18.43 -10.01
N SER A 94 13.53 19.71 -10.22
CA SER A 94 12.13 20.09 -10.41
C SER A 94 11.79 19.99 -11.90
N LYS A 95 11.52 18.76 -12.34
CA LYS A 95 11.14 18.46 -13.71
C LYS A 95 10.11 17.36 -13.74
N SER A 96 9.06 17.54 -14.53
CA SER A 96 8.20 16.41 -14.88
C SER A 96 9.00 15.33 -15.61
N VAL A 97 8.43 14.12 -15.66
CA VAL A 97 9.05 13.07 -16.48
C VAL A 97 9.24 13.57 -17.90
N GLU A 98 8.22 14.24 -18.44
CA GLU A 98 8.29 14.73 -19.81
C GLU A 98 9.47 15.67 -20.03
N ASP A 99 9.79 16.51 -19.05
CA ASP A 99 10.82 17.53 -19.19
C ASP A 99 12.17 17.14 -18.59
N THR A 100 12.34 15.91 -18.11
CA THR A 100 13.59 15.49 -17.51
C THR A 100 14.62 15.22 -18.59
N THR A 101 15.77 15.87 -18.52
CA THR A 101 16.87 15.52 -19.41
C THR A 101 17.53 14.24 -18.92
N THR A 102 18.10 13.50 -19.87
CA THR A 102 18.79 12.27 -19.49
C THR A 102 19.95 12.55 -18.54
N GLU A 103 20.61 13.69 -18.69
CA GLU A 103 21.68 14.06 -17.76
C GLU A 103 21.14 14.26 -16.35
N GLU A 104 19.99 14.94 -16.23
CA GLU A 104 19.36 15.13 -14.91
C GLU A 104 18.97 13.80 -14.30
N TRP A 105 18.33 12.95 -15.10
CA TRP A 105 17.95 11.59 -14.71
C TRP A 105 19.13 10.83 -14.13
N ARG A 106 20.21 10.72 -14.89
CA ARG A 106 21.34 9.92 -14.45
C ARG A 106 22.00 10.50 -13.21
N LYS A 107 22.10 11.83 -13.13
CA LYS A 107 22.76 12.46 -11.99
C LYS A 107 21.98 12.22 -10.70
N LEU A 108 20.67 12.48 -10.73
CA LEU A 108 19.86 12.25 -9.54
C LEU A 108 19.92 10.78 -9.11
N LEU A 109 19.79 9.84 -10.07
CA LEU A 109 19.82 8.43 -9.70
C LEU A 109 21.18 8.02 -9.15
N SER A 110 22.27 8.66 -9.61
CA SER A 110 23.60 8.29 -9.15
C SER A 110 23.76 8.53 -7.66
N VAL A 111 23.09 9.55 -7.12
CA VAL A 111 23.14 9.88 -5.70
C VAL A 111 22.03 9.15 -4.94
N ASN A 112 20.79 9.40 -5.35
CA ASN A 112 19.62 8.92 -4.60
C ASN A 112 19.45 7.41 -4.66
N LEU A 113 19.87 6.77 -5.75
CA LEU A 113 19.67 5.33 -5.91
C LEU A 113 20.97 4.56 -5.77
N ASP A 114 21.97 4.88 -6.60
CA ASP A 114 23.27 4.21 -6.50
C ASP A 114 23.87 4.37 -5.10
N GLY A 115 23.80 5.59 -4.56
CA GLY A 115 24.39 5.84 -3.24
C GLY A 115 23.77 4.97 -2.16
N VAL A 116 22.44 4.85 -2.17
CA VAL A 116 21.74 4.00 -1.21
C VAL A 116 22.09 2.53 -1.43
N PHE A 117 22.22 2.13 -2.70
CA PHE A 117 22.64 0.76 -3.00
C PHE A 117 24.05 0.49 -2.48
N PHE A 118 25.00 1.38 -2.79
CA PHE A 118 26.37 1.18 -2.33
C PHE A 118 26.44 1.09 -0.81
N GLY A 119 25.70 1.97 -0.12
CA GLY A 119 25.74 1.99 1.33
C GLY A 119 25.05 0.79 1.96
N THR A 120 23.97 0.32 1.33
CA THR A 120 23.27 -0.88 1.83
C THR A 120 24.09 -2.13 1.58
N ARG A 121 24.61 -2.28 0.36
CA ARG A 121 25.43 -3.45 0.06
C ARG A 121 26.62 -3.52 1.00
N LEU A 122 27.38 -2.42 1.12
CA LEU A 122 28.57 -2.43 1.98
C LEU A 122 28.19 -2.55 3.47
N GLY A 123 27.07 -1.95 3.87
CA GLY A 123 26.63 -2.10 5.24
C GLY A 123 26.37 -3.55 5.61
N ILE A 124 25.67 -4.27 4.72
CA ILE A 124 25.45 -5.70 4.94
C ILE A 124 26.80 -6.41 5.03
N GLN A 125 27.67 -6.17 4.07
CA GLN A 125 28.95 -6.87 4.05
C GLN A 125 29.77 -6.59 5.30
N ARG A 126 29.77 -5.35 5.77
CA ARG A 126 30.60 -4.98 6.91
C ARG A 126 29.98 -5.32 8.27
N MET A 127 28.66 -5.46 8.36
CA MET A 127 28.02 -5.60 9.67
C MET A 127 27.40 -6.97 9.93
N LYS A 128 27.28 -7.81 8.91
CA LYS A 128 26.63 -9.10 9.09
C LYS A 128 27.44 -9.99 10.03
N ASN A 129 26.72 -10.81 10.80
CA ASN A 129 27.29 -11.90 11.59
C ASN A 129 28.16 -11.41 12.74
N LYS A 130 27.97 -10.17 13.19
CA LYS A 130 28.82 -9.65 14.24
C LYS A 130 28.07 -9.40 15.55
N GLY A 131 26.80 -9.78 15.62
CA GLY A 131 26.04 -9.56 16.85
C GLY A 131 25.96 -8.12 17.28
N LEU A 132 25.92 -7.19 16.33
CA LEU A 132 25.96 -5.76 16.63
C LEU A 132 24.59 -5.12 16.82
N GLY A 133 23.51 -5.83 16.52
CA GLY A 133 22.22 -5.18 16.46
C GLY A 133 22.24 -4.13 15.37
N ALA A 134 22.74 -4.51 14.20
CA ALA A 134 23.00 -3.54 13.16
C ALA A 134 21.71 -3.11 12.48
N SER A 135 21.70 -1.86 12.01
CA SER A 135 20.49 -1.29 11.42
C SER A 135 20.87 -0.39 10.26
N ILE A 136 20.22 -0.62 9.12
CA ILE A 136 20.39 0.22 7.93
C ILE A 136 19.09 0.97 7.72
N ILE A 137 19.16 2.30 7.73
CA ILE A 137 18.01 3.18 7.64
C ILE A 137 18.14 3.92 6.32
N ASN A 138 17.24 3.64 5.39
CA ASN A 138 17.33 4.22 4.05
C ASN A 138 16.29 5.31 3.91
N MET A 139 16.74 6.52 3.54
CA MET A 139 15.86 7.68 3.48
C MET A 139 15.11 7.67 2.16
N SER A 140 13.85 7.28 2.21
CA SER A 140 12.94 7.48 1.08
C SER A 140 12.23 8.80 1.29
N SER A 141 10.92 8.84 1.05
CA SER A 141 10.14 10.06 1.13
C SER A 141 8.68 9.68 0.93
N ILE A 142 7.79 10.63 1.19
CA ILE A 142 6.42 10.45 0.71
C ILE A 142 6.43 10.28 -0.79
N GLU A 143 7.43 10.83 -1.47
CA GLU A 143 7.55 10.66 -2.91
C GLU A 143 8.06 9.28 -3.31
N GLY A 144 8.20 8.37 -2.35
CA GLY A 144 8.35 6.98 -2.66
C GLY A 144 7.05 6.21 -2.51
N LEU A 145 6.00 6.89 -2.09
CA LEU A 145 4.67 6.31 -1.87
C LEU A 145 3.63 6.85 -2.83
N VAL A 146 3.71 8.15 -3.15
CA VAL A 146 2.79 8.81 -4.06
C VAL A 146 3.63 9.57 -5.08
N GLY A 147 2.99 9.92 -6.18
CA GLY A 147 3.68 10.61 -7.25
C GLY A 147 3.62 12.13 -7.11
N ASP A 148 4.53 12.81 -7.81
CA ASP A 148 4.42 14.25 -7.91
C ASP A 148 4.71 14.63 -9.37
N PRO A 149 3.84 15.42 -9.99
CA PRO A 149 4.00 15.71 -11.43
C PRO A 149 5.31 16.40 -11.77
N THR A 150 5.96 17.04 -10.81
CA THR A 150 7.15 17.84 -11.08
C THR A 150 8.42 17.26 -10.44
N GLN A 151 8.43 15.99 -10.05
N GLN A 151 8.41 15.97 -10.14
CA GLN A 151 9.66 15.37 -9.54
CA GLN A 151 9.53 15.30 -9.46
C GLN A 151 9.76 13.92 -10.04
C GLN A 151 9.72 13.90 -10.04
N GLY A 152 9.75 13.78 -11.37
CA GLY A 152 9.73 12.46 -11.98
C GLY A 152 10.91 11.57 -11.61
N ALA A 153 12.14 12.07 -11.80
CA ALA A 153 13.31 11.26 -11.44
C ALA A 153 13.38 11.01 -9.95
N TYR A 154 13.05 12.03 -9.15
CA TYR A 154 13.03 11.89 -7.69
C TYR A 154 12.07 10.76 -7.27
N ASN A 155 10.85 10.77 -7.83
CA ASN A 155 9.89 9.69 -7.59
C ASN A 155 10.48 8.32 -7.93
N ALA A 156 11.07 8.20 -9.12
CA ALA A 156 11.72 6.95 -9.48
C ALA A 156 12.72 6.51 -8.41
N SER A 157 13.60 7.43 -8.00
CA SER A 157 14.64 7.07 -7.06
C SER A 157 14.06 6.65 -5.70
N LYS A 158 13.02 7.34 -5.25
CA LYS A 158 12.51 7.01 -3.92
C LYS A 158 11.67 5.75 -3.93
N GLY A 159 10.99 5.43 -5.04
CA GLY A 159 10.29 4.16 -5.12
C GLY A 159 11.25 2.99 -5.18
N ALA A 160 12.39 3.18 -5.86
CA ALA A 160 13.41 2.13 -5.92
C ALA A 160 13.98 1.84 -4.53
N VAL A 161 14.30 2.91 -3.78
CA VAL A 161 14.82 2.73 -2.42
C VAL A 161 13.83 1.99 -1.55
N ARG A 162 12.55 2.35 -1.67
CA ARG A 162 11.47 1.69 -0.94
C ARG A 162 11.53 0.17 -1.08
N ILE A 163 11.57 -0.33 -2.31
CA ILE A 163 11.41 -1.76 -2.50
C ILE A 163 12.75 -2.48 -2.42
N MET A 164 13.84 -1.88 -2.91
CA MET A 164 15.17 -2.47 -2.74
C MET A 164 15.47 -2.73 -1.26
N SER A 165 15.05 -1.83 -0.38
CA SER A 165 15.30 -2.02 1.04
C SER A 165 14.58 -3.26 1.58
N LYS A 166 13.40 -3.57 1.04
CA LYS A 166 12.70 -4.78 1.44
C LYS A 166 13.49 -6.03 1.06
N SER A 167 14.05 -6.07 -0.15
CA SER A 167 14.89 -7.20 -0.56
C SER A 167 16.01 -7.42 0.44
N ALA A 168 16.73 -6.34 0.77
CA ALA A 168 17.85 -6.43 1.69
C ALA A 168 17.38 -6.86 3.07
N ALA A 169 16.27 -6.29 3.55
CA ALA A 169 15.72 -6.69 4.85
C ALA A 169 15.48 -8.19 4.91
N LEU A 170 14.86 -8.72 3.84
CA LEU A 170 14.48 -10.13 3.84
C LEU A 170 15.71 -11.03 3.82
N ASP A 171 16.68 -10.71 2.96
CA ASP A 171 17.87 -11.54 2.88
C ASP A 171 18.62 -11.57 4.21
N CYS A 172 18.79 -10.39 4.83
CA CYS A 172 19.45 -10.32 6.13
C CYS A 172 18.69 -11.11 7.19
N ALA A 173 17.35 -11.05 7.16
CA ALA A 173 16.58 -11.76 8.18
C ALA A 173 16.68 -13.28 7.97
N LEU A 174 16.53 -13.73 6.73
CA LEU A 174 16.53 -15.15 6.43
C LEU A 174 17.89 -15.77 6.71
N LYS A 175 18.96 -14.98 6.58
N LYS A 175 18.96 -14.98 6.58
CA LYS A 175 20.31 -15.48 6.79
CA LYS A 175 20.31 -15.48 6.79
C LYS A 175 20.81 -15.23 8.21
C LYS A 175 20.83 -15.19 8.20
N ASP A 176 19.97 -14.71 9.10
CA ASP A 176 20.34 -14.47 10.50
C ASP A 176 21.56 -13.56 10.62
N TYR A 177 21.64 -12.56 9.76
CA TYR A 177 22.79 -11.66 9.73
C TYR A 177 22.85 -10.69 10.91
N ASP A 178 21.76 -10.54 11.68
CA ASP A 178 21.64 -9.48 12.70
C ASP A 178 21.84 -8.10 12.08
N VAL A 179 21.19 -7.89 10.93
CA VAL A 179 21.12 -6.59 10.25
C VAL A 179 19.67 -6.34 9.86
N ARG A 180 19.09 -5.24 10.32
CA ARG A 180 17.75 -4.83 9.89
C ARG A 180 17.86 -3.72 8.85
N VAL A 181 16.87 -3.66 7.95
CA VAL A 181 16.81 -2.64 6.91
C VAL A 181 15.39 -2.08 6.91
N ASN A 182 15.25 -0.75 7.08
CA ASN A 182 13.94 -0.12 7.03
C ASN A 182 14.04 1.18 6.23
N THR A 183 12.90 1.70 5.78
CA THR A 183 12.86 2.98 5.09
C THR A 183 12.07 4.01 5.89
N VAL A 184 12.54 5.25 5.84
CA VAL A 184 11.87 6.38 6.46
C VAL A 184 11.34 7.25 5.34
N HIS A 185 10.11 7.75 5.51
CA HIS A 185 9.41 8.51 4.48
C HIS A 185 8.95 9.83 5.07
N PRO A 186 9.83 10.84 5.10
CA PRO A 186 9.41 12.16 5.56
C PRO A 186 8.42 12.80 4.58
N GLY A 187 7.46 13.55 5.13
CA GLY A 187 6.76 14.54 4.35
C GLY A 187 7.65 15.76 4.28
N PRO A 188 7.08 16.92 3.93
CA PRO A 188 7.92 18.13 3.82
C PRO A 188 8.51 18.51 5.16
N ILE A 189 9.82 18.81 5.13
CA ILE A 189 10.61 19.18 6.29
C ILE A 189 11.38 20.45 5.94
N LYS A 190 11.41 21.41 6.86
CA LYS A 190 12.18 22.64 6.71
C LYS A 190 13.67 22.31 6.74
N THR A 191 14.29 22.32 5.56
CA THR A 191 15.73 22.09 5.36
C THR A 191 16.23 23.02 4.27
N PRO A 192 17.56 23.14 4.09
CA PRO A 192 18.06 23.89 2.94
C PRO A 192 17.50 23.42 1.60
N LEU A 193 17.31 22.10 1.43
CA LEU A 193 16.70 21.60 0.20
C LEU A 193 15.36 22.29 -0.06
N VAL A 194 14.55 22.44 0.97
CA VAL A 194 13.26 23.12 0.82
C VAL A 194 13.45 24.64 0.79
N ASP A 195 14.32 25.15 1.65
CA ASP A 195 14.52 26.60 1.73
C ASP A 195 15.04 27.17 0.41
N ASP A 196 15.75 26.36 -0.37
CA ASP A 196 16.37 26.82 -1.61
C ASP A 196 15.46 26.67 -2.83
N LEU A 197 14.24 26.14 -2.63
CA LEU A 197 13.22 26.05 -3.69
C LEU A 197 12.19 27.12 -3.36
N GLU A 198 12.14 28.16 -4.18
CA GLU A 198 11.34 29.32 -3.83
C GLU A 198 9.85 28.98 -3.81
N GLY A 199 9.20 29.26 -2.68
CA GLY A 199 7.79 28.98 -2.52
C GLY A 199 7.45 27.56 -2.12
N ALA A 200 8.44 26.67 -1.99
CA ALA A 200 8.15 25.28 -1.67
C ALA A 200 7.47 25.15 -0.31
N GLU A 201 7.96 25.85 0.71
CA GLU A 201 7.37 25.72 2.03
C GLU A 201 5.91 26.15 2.02
N GLU A 202 5.60 27.25 1.34
CA GLU A 202 4.22 27.72 1.28
C GLU A 202 3.32 26.73 0.55
N MET A 203 3.79 26.20 -0.58
CA MET A 203 3.00 25.24 -1.32
C MET A 203 2.73 24.00 -0.47
N MET A 204 3.77 23.47 0.17
CA MET A 204 3.61 22.25 0.95
C MET A 204 2.84 22.47 2.25
N SER A 205 2.71 23.72 2.70
CA SER A 205 1.97 23.99 3.92
C SER A 205 0.46 24.11 3.70
N GLN A 206 0.00 24.19 2.46
CA GLN A 206 -1.44 24.21 2.21
C GLN A 206 -2.08 22.95 2.78
N ARG A 207 -3.32 23.08 3.26
CA ARG A 207 -4.00 21.94 3.85
C ARG A 207 -4.23 20.83 2.84
N THR A 208 -4.39 21.17 1.54
CA THR A 208 -4.58 20.16 0.52
C THR A 208 -3.33 19.32 0.32
N LYS A 209 -2.19 19.80 0.81
CA LYS A 209 -0.92 19.09 0.73
C LYS A 209 -0.63 18.40 2.07
N THR A 210 -0.36 19.19 3.11
CA THR A 210 -0.09 18.67 4.46
C THR A 210 -1.22 19.04 5.40
N PRO A 211 -2.05 18.07 5.81
CA PRO A 211 -3.24 18.41 6.61
C PRO A 211 -2.96 19.16 7.89
N MET A 212 -1.78 18.99 8.50
CA MET A 212 -1.45 19.76 9.69
C MET A 212 -1.24 21.24 9.41
N GLY A 213 -1.11 21.64 8.14
CA GLY A 213 -1.04 23.05 7.82
C GLY A 213 0.32 23.69 7.97
N HIS A 214 1.36 22.88 8.12
CA HIS A 214 2.74 23.36 8.26
C HIS A 214 3.63 22.18 7.92
N ILE A 215 4.90 22.48 7.64
CA ILE A 215 5.87 21.44 7.34
C ILE A 215 6.61 21.07 8.63
N GLY A 216 7.29 19.93 8.60
CA GLY A 216 7.96 19.43 9.78
C GLY A 216 9.32 20.08 10.00
N GLU A 217 10.05 19.55 10.97
CA GLU A 217 11.39 20.03 11.28
C GLU A 217 12.33 18.83 11.32
N PRO A 218 13.64 19.07 11.09
CA PRO A 218 14.59 17.94 11.04
C PRO A 218 14.54 17.01 12.24
N ASN A 219 14.26 17.52 13.45
CA ASN A 219 14.17 16.61 14.59
C ASN A 219 13.04 15.61 14.44
N ASP A 220 12.00 15.93 13.68
CA ASP A 220 10.93 14.95 13.48
C ASP A 220 11.45 13.69 12.82
N ILE A 221 12.45 13.83 11.96
CA ILE A 221 13.01 12.66 11.31
C ILE A 221 14.11 12.04 12.15
N ALA A 222 14.87 12.86 12.89
CA ALA A 222 15.89 12.32 13.77
C ALA A 222 15.29 11.34 14.79
N TRP A 223 14.10 11.65 15.32
CA TRP A 223 13.60 10.81 16.40
C TRP A 223 13.12 9.46 15.89
N ILE A 224 12.52 9.39 14.68
CA ILE A 224 12.19 8.05 14.19
C ILE A 224 13.48 7.30 13.87
N CYS A 225 14.52 8.00 13.41
CA CYS A 225 15.78 7.31 13.13
C CYS A 225 16.43 6.77 14.39
N VAL A 226 16.31 7.48 15.51
CA VAL A 226 16.85 6.96 16.77
C VAL A 226 16.16 5.65 17.12
N TYR A 227 14.83 5.62 16.99
CA TYR A 227 14.06 4.41 17.23
C TYR A 227 14.56 3.25 16.36
N LEU A 228 14.70 3.49 15.05
CA LEU A 228 15.10 2.41 14.14
C LEU A 228 16.55 1.98 14.37
N ALA A 229 17.41 2.89 14.84
CA ALA A 229 18.79 2.49 15.12
C ALA A 229 18.95 1.77 16.44
N SER A 230 18.01 1.96 17.36
CA SER A 230 18.14 1.38 18.69
C SER A 230 17.67 -0.08 18.68
N ASP A 231 18.05 -0.80 19.74
CA ASP A 231 17.57 -2.17 19.86
C ASP A 231 16.09 -2.23 20.22
N GLU A 232 15.46 -1.08 20.50
CA GLU A 232 14.01 -1.06 20.73
C GLU A 232 13.25 -1.59 19.53
N SER A 233 13.84 -1.47 18.33
CA SER A 233 13.18 -1.85 17.09
C SER A 233 13.70 -3.18 16.53
N LYS A 234 14.18 -4.07 17.41
CA LYS A 234 14.80 -5.32 16.97
C LYS A 234 13.87 -6.26 16.21
N PHE A 235 12.55 -6.03 16.23
CA PHE A 235 11.60 -6.83 15.47
C PHE A 235 11.06 -6.08 14.24
N ALA A 236 11.58 -4.89 13.94
CA ALA A 236 11.13 -4.13 12.77
C ALA A 236 12.15 -4.27 11.63
N THR A 237 11.73 -4.87 10.53
CA THR A 237 12.58 -4.91 9.35
C THR A 237 11.69 -4.99 8.11
N GLY A 238 12.16 -4.37 7.03
CA GLY A 238 11.45 -4.34 5.76
C GLY A 238 10.28 -3.39 5.71
N ALA A 239 10.18 -2.47 6.67
CA ALA A 239 8.97 -1.68 6.90
C ALA A 239 9.21 -0.20 6.60
N GLU A 240 8.09 0.51 6.48
CA GLU A 240 8.08 1.91 6.03
C GLU A 240 7.55 2.78 7.15
N PHE A 241 8.36 3.75 7.57
CA PHE A 241 8.03 4.63 8.70
C PHE A 241 7.78 6.03 8.16
N VAL A 242 6.52 6.45 8.23
CA VAL A 242 6.04 7.63 7.55
C VAL A 242 5.79 8.73 8.59
N VAL A 243 6.49 9.84 8.44
CA VAL A 243 6.37 10.98 9.35
C VAL A 243 6.10 12.20 8.45
N ASP A 244 4.82 12.50 8.21
CA ASP A 244 4.49 13.35 7.07
C ASP A 244 3.33 14.32 7.30
N GLY A 245 2.94 14.57 8.56
CA GLY A 245 1.85 15.49 8.84
C GLY A 245 0.51 15.09 8.28
N GLY A 246 0.35 13.83 7.89
CA GLY A 246 -0.89 13.38 7.30
C GLY A 246 -0.92 13.41 5.79
N TYR A 247 0.18 13.78 5.14
CA TYR A 247 0.19 13.99 3.67
C TYR A 247 -0.35 12.79 2.92
N THR A 248 0.16 11.59 3.23
CA THR A 248 -0.25 10.39 2.49
C THR A 248 -1.49 9.71 3.08
N ALA A 249 -2.08 10.26 4.14
CA ALA A 249 -3.28 9.67 4.71
C ALA A 249 -4.55 10.08 3.98
N GLN A 250 -4.47 11.15 3.19
CA GLN A 250 -5.61 11.58 2.37
C GLN A 250 -5.30 11.34 0.89
N ASP B 1 -20.65 -11.40 -25.65
N ASP B 1 -19.32 -11.90 -26.83
CA ASP B 1 -19.40 -12.11 -25.84
CA ASP B 1 -19.92 -11.93 -25.49
C ASP B 1 -18.71 -12.45 -24.51
C ASP B 1 -18.95 -12.41 -24.41
N ARG B 2 -18.33 -11.44 -23.73
CA ARG B 2 -17.27 -11.69 -22.75
C ARG B 2 -17.72 -12.37 -21.47
N LEU B 3 -19.02 -12.39 -21.18
CA LEU B 3 -19.58 -13.03 -19.99
C LEU B 3 -20.54 -14.16 -20.37
N LYS B 4 -20.28 -14.79 -21.50
CA LYS B 4 -21.13 -15.88 -21.99
C LYS B 4 -21.34 -16.93 -20.92
N GLY B 5 -22.60 -17.22 -20.61
CA GLY B 5 -22.93 -18.24 -19.64
C GLY B 5 -22.95 -17.78 -18.20
N LYS B 6 -22.45 -16.58 -17.89
CA LYS B 6 -22.38 -16.16 -16.49
C LYS B 6 -23.76 -15.80 -15.97
N VAL B 7 -23.93 -15.96 -14.67
CA VAL B 7 -25.18 -15.61 -13.97
C VAL B 7 -24.80 -14.79 -12.76
N ALA B 8 -25.24 -13.54 -12.72
CA ALA B 8 -24.71 -12.55 -11.79
C ALA B 8 -25.80 -12.02 -10.87
N ILE B 9 -25.45 -11.86 -9.59
CA ILE B 9 -26.23 -11.04 -8.67
C ILE B 9 -25.49 -9.72 -8.49
N VAL B 10 -26.19 -8.61 -8.63
CA VAL B 10 -25.62 -7.28 -8.45
C VAL B 10 -26.50 -6.58 -7.42
N THR B 11 -26.00 -6.45 -6.18
CA THR B 11 -26.79 -5.76 -5.17
C THR B 11 -26.72 -4.25 -5.41
N GLY B 12 -27.83 -3.57 -5.09
CA GLY B 12 -27.92 -2.16 -5.38
C GLY B 12 -27.71 -1.90 -6.86
N GLY B 13 -28.36 -2.70 -7.69
CA GLY B 13 -28.22 -2.62 -9.13
C GLY B 13 -29.25 -1.78 -9.86
N THR B 14 -30.03 -0.97 -9.15
CA THR B 14 -31.15 -0.25 -9.78
C THR B 14 -30.83 1.20 -10.10
N LEU B 15 -29.73 1.74 -9.55
CA LEU B 15 -29.30 3.10 -9.85
C LEU B 15 -27.78 3.12 -9.94
N GLY B 16 -27.25 4.19 -10.55
CA GLY B 16 -25.85 4.52 -10.39
C GLY B 16 -24.90 3.45 -10.90
N ILE B 17 -23.87 3.17 -10.10
CA ILE B 17 -22.82 2.26 -10.53
C ILE B 17 -23.40 0.87 -10.74
N GLY B 18 -24.21 0.40 -9.79
CA GLY B 18 -24.80 -0.94 -9.93
C GLY B 18 -25.64 -1.09 -11.19
N LEU B 19 -26.43 -0.07 -11.53
CA LEU B 19 -27.23 -0.12 -12.76
C LEU B 19 -26.35 -0.32 -13.98
N ALA B 20 -25.21 0.39 -14.05
CA ALA B 20 -24.36 0.29 -15.22
C ALA B 20 -23.64 -1.05 -15.25
N ILE B 21 -23.25 -1.57 -14.09
CA ILE B 21 -22.69 -2.92 -14.03
C ILE B 21 -23.69 -3.92 -14.59
N ALA B 22 -24.94 -3.86 -14.13
CA ALA B 22 -25.96 -4.75 -14.66
C ALA B 22 -26.12 -4.56 -16.17
N ASP B 23 -26.10 -3.31 -16.63
CA ASP B 23 -26.32 -3.03 -18.04
C ASP B 23 -25.22 -3.63 -18.90
N LYS B 24 -23.95 -3.41 -18.53
CA LYS B 24 -22.87 -3.97 -19.34
C LYS B 24 -22.77 -5.48 -19.15
N PHE B 25 -23.14 -6.00 -17.98
CA PHE B 25 -23.13 -7.46 -17.81
C PHE B 25 -24.09 -8.11 -18.79
N VAL B 26 -25.29 -7.53 -18.98
CA VAL B 26 -26.25 -8.08 -19.93
C VAL B 26 -25.74 -7.91 -21.36
N GLU B 27 -25.12 -6.77 -21.67
CA GLU B 27 -24.57 -6.59 -23.01
C GLU B 27 -23.53 -7.63 -23.34
N GLU B 28 -22.82 -8.14 -22.33
CA GLU B 28 -21.78 -9.13 -22.53
C GLU B 28 -22.26 -10.56 -22.34
N GLY B 29 -23.58 -10.77 -22.29
CA GLY B 29 -24.14 -12.10 -22.33
C GLY B 29 -24.48 -12.72 -21.00
N ALA B 30 -24.34 -11.99 -19.89
CA ALA B 30 -24.72 -12.53 -18.59
C ALA B 30 -26.22 -12.41 -18.38
N LYS B 31 -26.76 -13.33 -17.58
CA LYS B 31 -28.08 -13.18 -16.95
C LYS B 31 -27.86 -12.50 -15.60
N VAL B 32 -28.76 -11.59 -15.23
CA VAL B 32 -28.51 -10.71 -14.08
C VAL B 32 -29.75 -10.56 -13.21
N VAL B 33 -29.58 -10.65 -11.90
CA VAL B 33 -30.57 -10.21 -10.94
C VAL B 33 -30.02 -8.99 -10.22
N ILE B 34 -30.76 -7.88 -10.27
CA ILE B 34 -30.41 -6.67 -9.52
C ILE B 34 -31.28 -6.59 -8.29
N THR B 35 -30.72 -6.04 -7.20
CA THR B 35 -31.49 -5.82 -5.99
C THR B 35 -31.54 -4.34 -5.64
N GLY B 36 -32.51 -4.01 -4.80
CA GLY B 36 -32.68 -2.68 -4.23
C GLY B 36 -33.81 -2.74 -3.23
N ARG B 37 -33.97 -1.65 -2.48
CA ARG B 37 -35.02 -1.63 -1.46
C ARG B 37 -36.38 -1.24 -2.03
N HIS B 38 -36.42 -0.52 -3.14
CA HIS B 38 -37.66 0.09 -3.63
C HIS B 38 -38.10 -0.59 -4.91
N ALA B 39 -39.31 -1.16 -4.87
CA ALA B 39 -39.78 -2.01 -5.97
C ALA B 39 -40.12 -1.20 -7.22
N ASP B 40 -40.67 0.01 -7.06
CA ASP B 40 -40.96 0.81 -8.24
C ASP B 40 -39.68 1.18 -8.98
N VAL B 41 -38.66 1.61 -8.24
CA VAL B 41 -37.37 1.92 -8.86
C VAL B 41 -36.78 0.69 -9.52
N GLY B 42 -36.86 -0.46 -8.84
CA GLY B 42 -36.15 -1.64 -9.32
C GLY B 42 -36.78 -2.29 -10.53
N GLU B 43 -38.11 -2.39 -10.55
CA GLU B 43 -38.76 -2.99 -11.72
C GLU B 43 -38.51 -2.15 -12.97
N LYS B 44 -38.46 -0.83 -12.82
CA LYS B 44 -38.21 0.10 -13.96
C LYS B 44 -36.75 -0.06 -14.40
N ALA B 45 -35.85 -0.28 -13.44
CA ALA B 45 -34.45 -0.43 -13.80
C ALA B 45 -34.23 -1.70 -14.61
N ALA B 46 -34.74 -2.84 -14.13
CA ALA B 46 -34.60 -4.09 -14.86
C ALA B 46 -35.16 -3.96 -16.26
N LYS B 47 -36.39 -3.44 -16.38
CA LYS B 47 -37.00 -3.29 -17.69
C LYS B 47 -36.20 -2.36 -18.59
N SER B 48 -35.52 -1.36 -18.03
CA SER B 48 -34.75 -0.43 -18.85
C SER B 48 -33.52 -1.07 -19.47
N ILE B 49 -33.09 -2.23 -18.98
CA ILE B 49 -31.95 -2.95 -19.52
C ILE B 49 -32.37 -4.07 -20.46
N GLY B 50 -33.45 -4.77 -20.13
CA GLY B 50 -33.92 -5.81 -21.00
C GLY B 50 -35.11 -6.52 -20.42
N GLY B 51 -35.44 -7.67 -21.01
CA GLY B 51 -36.56 -8.47 -20.56
C GLY B 51 -36.18 -9.47 -19.49
N THR B 52 -37.20 -10.17 -18.99
CA THR B 52 -37.02 -11.14 -17.92
C THR B 52 -36.21 -12.35 -18.35
N ASP B 53 -35.97 -12.53 -19.65
CA ASP B 53 -35.07 -13.59 -20.08
C ASP B 53 -33.60 -13.28 -19.78
N VAL B 54 -33.25 -12.01 -19.54
CA VAL B 54 -31.85 -11.68 -19.28
C VAL B 54 -31.65 -10.96 -17.94
N ILE B 55 -32.67 -10.25 -17.44
CA ILE B 55 -32.48 -9.47 -16.22
C ILE B 55 -33.77 -9.44 -15.42
N ARG B 56 -33.65 -9.55 -14.10
CA ARG B 56 -34.82 -9.45 -13.22
C ARG B 56 -34.43 -8.68 -11.96
N PHE B 57 -35.44 -8.06 -11.34
CA PHE B 57 -35.27 -7.33 -10.09
C PHE B 57 -35.81 -8.15 -8.92
N VAL B 58 -35.08 -8.14 -7.80
CA VAL B 58 -35.54 -8.76 -6.57
C VAL B 58 -35.41 -7.74 -5.45
N GLN B 59 -36.51 -7.47 -4.77
CA GLN B 59 -36.48 -6.55 -3.63
C GLN B 59 -35.76 -7.23 -2.47
N HIS B 60 -34.61 -6.69 -2.10
CA HIS B 60 -33.83 -7.25 -1.01
C HIS B 60 -32.91 -6.17 -0.45
N ASP B 61 -32.97 -5.97 0.87
CA ASP B 61 -32.02 -5.12 1.57
C ASP B 61 -30.77 -5.93 1.87
N ALA B 62 -29.61 -5.47 1.40
CA ALA B 62 -28.39 -6.26 1.56
C ALA B 62 -28.03 -6.52 3.02
N SER B 63 -28.56 -5.72 3.95
CA SER B 63 -28.30 -5.96 5.36
C SER B 63 -29.19 -7.06 5.94
N ASP B 64 -30.09 -7.62 5.15
CA ASP B 64 -31.07 -8.62 5.60
C ASP B 64 -30.49 -10.00 5.34
N GLU B 65 -29.94 -10.61 6.39
CA GLU B 65 -29.26 -11.90 6.26
C GLU B 65 -30.19 -12.97 5.70
N ALA B 66 -31.41 -13.06 6.25
CA ALA B 66 -32.34 -14.11 5.83
C ALA B 66 -32.65 -14.02 4.33
N GLY B 67 -32.72 -12.80 3.79
CA GLY B 67 -33.07 -12.63 2.40
C GLY B 67 -32.01 -13.11 1.42
N TRP B 68 -30.77 -13.25 1.88
CA TRP B 68 -29.68 -13.62 0.99
C TRP B 68 -29.86 -15.02 0.43
N THR B 69 -30.27 -15.98 1.25
CA THR B 69 -30.43 -17.32 0.69
C THR B 69 -31.61 -17.40 -0.28
N LYS B 70 -32.67 -16.63 -0.02
CA LYS B 70 -33.79 -16.57 -0.95
C LYS B 70 -33.38 -15.91 -2.26
N LEU B 71 -32.50 -14.91 -2.18
CA LEU B 71 -32.02 -14.23 -3.36
C LEU B 71 -31.24 -15.17 -4.27
N PHE B 72 -30.37 -16.01 -3.70
CA PHE B 72 -29.69 -17.00 -4.51
C PHE B 72 -30.69 -18.00 -5.10
N ASP B 73 -31.65 -18.44 -4.28
CA ASP B 73 -32.65 -19.41 -4.75
C ASP B 73 -33.42 -18.86 -5.94
N THR B 74 -33.89 -17.61 -5.84
CA THR B 74 -34.65 -16.99 -6.92
C THR B 74 -33.83 -16.86 -8.18
N THR B 75 -32.59 -16.37 -8.06
CA THR B 75 -31.71 -16.25 -9.21
C THR B 75 -31.47 -17.59 -9.89
N GLU B 76 -31.16 -18.62 -9.09
CA GLU B 76 -30.89 -19.95 -9.65
C GLU B 76 -32.13 -20.54 -10.31
N GLU B 77 -33.29 -20.37 -9.67
CA GLU B 77 -34.52 -20.85 -10.28
C GLU B 77 -34.75 -20.18 -11.63
N ALA B 78 -34.39 -18.89 -11.75
CA ALA B 78 -34.59 -18.16 -13.00
C ALA B 78 -33.54 -18.51 -14.05
N PHE B 79 -32.27 -18.60 -13.67
CA PHE B 79 -31.18 -18.53 -14.63
C PHE B 79 -30.16 -19.66 -14.52
N GLY B 80 -30.28 -20.54 -13.53
CA GLY B 80 -29.28 -21.56 -13.29
C GLY B 80 -28.26 -21.10 -12.25
N PRO B 81 -27.28 -21.94 -11.95
CA PRO B 81 -26.32 -21.65 -10.88
C PRO B 81 -25.65 -20.28 -11.01
N VAL B 82 -25.70 -19.52 -9.92
CA VAL B 82 -25.03 -18.23 -9.84
C VAL B 82 -23.52 -18.42 -9.99
N THR B 83 -22.91 -17.58 -10.82
CA THR B 83 -21.47 -17.63 -11.03
C THR B 83 -20.75 -16.38 -10.57
N THR B 84 -21.47 -15.29 -10.35
CA THR B 84 -20.85 -13.98 -10.16
C THR B 84 -21.68 -13.22 -9.16
N VAL B 85 -21.03 -12.63 -8.16
CA VAL B 85 -21.70 -11.85 -7.12
C VAL B 85 -20.99 -10.51 -7.03
N VAL B 86 -21.73 -9.42 -7.25
CA VAL B 86 -21.18 -8.08 -7.13
C VAL B 86 -21.82 -7.44 -5.90
N ASN B 87 -21.04 -7.30 -4.83
CA ASN B 87 -21.54 -6.72 -3.57
C ASN B 87 -21.37 -5.21 -3.67
N ASN B 88 -22.39 -4.55 -4.22
CA ASN B 88 -22.30 -3.15 -4.59
C ASN B 88 -23.16 -2.23 -3.73
N ALA B 89 -24.25 -2.74 -3.14
CA ALA B 89 -25.09 -1.90 -2.28
C ALA B 89 -24.27 -1.22 -1.18
N GLY B 90 -24.46 0.08 -1.04
CA GLY B 90 -23.72 0.82 -0.03
C GLY B 90 -24.35 2.17 0.22
N ILE B 91 -24.12 2.70 1.43
CA ILE B 91 -24.62 4.02 1.78
C ILE B 91 -23.47 4.84 2.37
N ALA B 92 -23.69 6.14 2.43
CA ALA B 92 -22.68 7.04 2.96
C ALA B 92 -23.29 7.87 4.07
N VAL B 93 -22.43 8.33 4.99
CA VAL B 93 -22.83 9.20 6.08
C VAL B 93 -21.78 10.30 6.17
N SER B 94 -22.20 11.55 6.03
CA SER B 94 -21.26 12.67 5.98
C SER B 94 -20.98 13.16 7.41
N LYS B 95 -20.14 12.40 8.11
CA LYS B 95 -19.81 12.69 9.51
C LYS B 95 -18.37 12.31 9.78
N SER B 96 -17.66 13.17 10.52
CA SER B 96 -16.39 12.79 11.11
C SER B 96 -16.58 11.66 12.11
N VAL B 97 -15.50 10.96 12.41
CA VAL B 97 -15.53 9.98 13.51
C VAL B 97 -16.09 10.63 14.78
N GLU B 98 -15.57 11.83 15.11
CA GLU B 98 -16.02 12.57 16.29
C GLU B 98 -17.54 12.73 16.30
N ASP B 99 -18.12 13.07 15.16
CA ASP B 99 -19.52 13.45 15.07
C ASP B 99 -20.45 12.28 14.74
N THR B 100 -19.92 11.06 14.59
CA THR B 100 -20.73 9.92 14.19
C THR B 100 -21.53 9.42 15.38
N THR B 101 -22.85 9.35 15.24
CA THR B 101 -23.67 8.72 16.27
C THR B 101 -23.56 7.21 16.15
N THR B 102 -23.81 6.52 17.26
CA THR B 102 -23.73 5.06 17.23
C THR B 102 -24.78 4.46 16.29
N GLU B 103 -25.98 5.07 16.24
CA GLU B 103 -26.99 4.61 15.30
C GLU B 103 -26.50 4.70 13.86
N GLU B 104 -25.85 5.81 13.50
CA GLU B 104 -25.32 5.97 12.14
C GLU B 104 -24.22 4.96 11.86
N TRP B 105 -23.36 4.73 12.84
CA TRP B 105 -22.29 3.75 12.74
C TRP B 105 -22.84 2.36 12.44
N ARG B 106 -23.74 1.88 13.31
CA ARG B 106 -24.32 0.55 13.12
C ARG B 106 -25.08 0.46 11.80
N LYS B 107 -25.79 1.51 11.42
CA LYS B 107 -26.62 1.44 10.21
C LYS B 107 -25.77 1.33 8.96
N LEU B 108 -24.76 2.20 8.84
CA LEU B 108 -23.87 2.13 7.68
C LEU B 108 -23.15 0.79 7.64
N LEU B 109 -22.63 0.32 8.78
CA LEU B 109 -21.90 -0.94 8.75
C LEU B 109 -22.83 -2.12 8.42
N SER B 110 -24.10 -2.02 8.78
CA SER B 110 -25.02 -3.12 8.51
C SER B 110 -25.18 -3.33 7.00
N VAL B 111 -25.08 -2.26 6.22
CA VAL B 111 -25.23 -2.37 4.77
C VAL B 111 -23.85 -2.60 4.14
N ASN B 112 -22.91 -1.68 4.41
CA ASN B 112 -21.63 -1.64 3.72
C ASN B 112 -20.70 -2.79 4.12
N LEU B 113 -20.82 -3.31 5.33
CA LEU B 113 -19.93 -4.37 5.77
C LEU B 113 -20.66 -5.70 5.97
N ASP B 114 -21.74 -5.74 6.76
CA ASP B 114 -22.51 -6.97 6.90
C ASP B 114 -22.98 -7.49 5.55
N GLY B 115 -23.58 -6.61 4.74
CA GLY B 115 -24.07 -7.02 3.43
C GLY B 115 -22.98 -7.66 2.59
N VAL B 116 -21.79 -7.06 2.58
CA VAL B 116 -20.69 -7.63 1.79
C VAL B 116 -20.25 -8.97 2.39
N PHE B 117 -20.17 -9.04 3.72
CA PHE B 117 -19.91 -10.31 4.39
C PHE B 117 -20.94 -11.37 4.01
N PHE B 118 -22.23 -11.04 4.14
CA PHE B 118 -23.28 -12.02 3.85
C PHE B 118 -23.18 -12.53 2.42
N GLY B 119 -22.99 -11.62 1.47
CA GLY B 119 -22.92 -12.03 0.07
C GLY B 119 -21.68 -12.82 -0.26
N THR B 120 -20.55 -12.45 0.36
CA THR B 120 -19.31 -13.19 0.13
C THR B 120 -19.34 -14.58 0.75
N ARG B 121 -19.77 -14.68 2.01
CA ARG B 121 -19.87 -15.98 2.66
C ARG B 121 -20.81 -16.90 1.90
N LEU B 122 -22.02 -16.42 1.59
CA LEU B 122 -22.96 -17.26 0.85
C LEU B 122 -22.44 -17.57 -0.55
N GLY B 123 -21.86 -16.56 -1.21
CA GLY B 123 -21.32 -16.77 -2.55
C GLY B 123 -20.29 -17.88 -2.58
N ILE B 124 -19.38 -17.90 -1.59
CA ILE B 124 -18.41 -19.00 -1.54
C ILE B 124 -19.14 -20.34 -1.40
N GLN B 125 -20.11 -20.40 -0.47
CA GLN B 125 -20.77 -21.66 -0.19
C GLN B 125 -21.53 -22.20 -1.39
N ARG B 126 -22.23 -21.33 -2.11
CA ARG B 126 -23.10 -21.73 -3.21
C ARG B 126 -22.38 -21.86 -4.56
N MET B 127 -21.18 -21.29 -4.71
CA MET B 127 -20.49 -21.33 -5.99
C MET B 127 -19.24 -22.20 -6.00
N LYS B 128 -18.69 -22.57 -4.85
CA LYS B 128 -17.43 -23.32 -4.83
C LYS B 128 -17.60 -24.70 -5.49
N ASN B 129 -16.52 -25.17 -6.11
CA ASN B 129 -16.39 -26.56 -6.57
C ASN B 129 -17.44 -26.95 -7.63
N LYS B 130 -17.80 -26.01 -8.49
N LYS B 130 -17.80 -26.01 -8.49
CA LYS B 130 -18.80 -26.27 -9.52
CA LYS B 130 -18.80 -26.28 -9.52
C LYS B 130 -18.32 -25.96 -10.93
C LYS B 130 -18.32 -25.93 -10.92
N GLY B 131 -17.04 -25.64 -11.10
CA GLY B 131 -16.50 -25.37 -12.43
C GLY B 131 -17.10 -24.18 -13.13
N LEU B 132 -17.53 -23.16 -12.38
CA LEU B 132 -18.24 -22.03 -12.97
C LEU B 132 -17.34 -20.85 -13.32
N GLY B 133 -16.06 -20.91 -12.96
CA GLY B 133 -15.24 -19.72 -13.05
C GLY B 133 -15.88 -18.60 -12.25
N ALA B 134 -16.19 -18.89 -10.99
CA ALA B 134 -16.96 -17.98 -10.17
C ALA B 134 -16.12 -16.78 -9.74
N SER B 135 -16.78 -15.64 -9.57
CA SER B 135 -16.09 -14.40 -9.26
C SER B 135 -16.95 -13.56 -8.32
N ILE B 136 -16.36 -13.13 -7.21
CA ILE B 136 -17.01 -12.25 -6.25
C ILE B 136 -16.29 -10.90 -6.30
N ILE B 137 -17.03 -9.85 -6.62
CA ILE B 137 -16.51 -8.50 -6.82
C ILE B 137 -17.09 -7.66 -5.70
N ASN B 138 -16.25 -7.23 -4.76
CA ASN B 138 -16.72 -6.46 -3.61
C ASN B 138 -16.40 -4.99 -3.83
N MET B 139 -17.42 -4.14 -3.71
CA MET B 139 -17.26 -2.72 -4.06
C MET B 139 -16.70 -2.00 -2.83
N SER B 140 -15.41 -1.68 -2.89
CA SER B 140 -14.80 -0.84 -1.87
C SER B 140 -14.88 0.59 -2.39
N SER B 141 -13.81 1.34 -2.22
CA SER B 141 -13.78 2.72 -2.71
C SER B 141 -12.33 3.19 -2.56
N ILE B 142 -12.04 4.35 -3.15
CA ILE B 142 -10.83 5.04 -2.73
C ILE B 142 -10.85 5.26 -1.22
N GLU B 143 -12.04 5.35 -0.62
CA GLU B 143 -12.15 5.53 0.81
C GLU B 143 -11.86 4.26 1.59
N GLY B 144 -11.48 3.19 0.88
CA GLY B 144 -10.89 2.03 1.49
C GLY B 144 -9.37 2.06 1.47
N LEU B 145 -8.78 3.07 0.81
CA LEU B 145 -7.34 3.24 0.64
C LEU B 145 -6.80 4.46 1.36
N VAL B 146 -7.57 5.54 1.40
CA VAL B 146 -7.20 6.77 2.10
C VAL B 146 -8.35 7.15 3.02
N GLY B 147 -8.07 8.01 3.99
CA GLY B 147 -9.11 8.51 4.86
C GLY B 147 -9.77 9.74 4.29
N ASP B 148 -10.98 10.03 4.78
CA ASP B 148 -11.60 11.32 4.55
C ASP B 148 -12.11 11.85 5.88
N PRO B 149 -11.81 13.11 6.22
CA PRO B 149 -12.18 13.62 7.55
C PRO B 149 -13.67 13.60 7.84
N THR B 150 -14.55 13.57 6.84
CA THR B 150 -15.99 13.57 7.12
C THR B 150 -16.69 12.32 6.59
N GLN B 151 -16.01 11.18 6.50
N GLN B 151 -15.97 11.19 6.58
CA GLN B 151 -16.71 9.92 6.22
CA GLN B 151 -16.49 9.91 6.12
C GLN B 151 -16.07 8.80 7.05
C GLN B 151 -16.00 8.79 7.05
N GLY B 152 -16.01 9.03 8.36
CA GLY B 152 -15.38 8.09 9.28
C GLY B 152 -15.95 6.68 9.22
N ALA B 153 -17.26 6.54 9.38
CA ALA B 153 -17.85 5.20 9.36
C ALA B 153 -17.71 4.57 7.98
N TYR B 154 -17.86 5.38 6.92
CA TYR B 154 -17.68 4.88 5.56
C TYR B 154 -16.26 4.35 5.37
N ASN B 155 -15.26 5.12 5.80
CA ASN B 155 -13.87 4.66 5.78
C ASN B 155 -13.72 3.32 6.48
N ALA B 156 -14.31 3.20 7.68
CA ALA B 156 -14.22 1.92 8.40
C ALA B 156 -14.80 0.78 7.56
N SER B 157 -15.96 0.99 6.94
CA SER B 157 -16.58 -0.10 6.21
C SER B 157 -15.75 -0.48 4.98
N LYS B 158 -15.19 0.51 4.28
CA LYS B 158 -14.51 0.21 3.03
C LYS B 158 -13.13 -0.40 3.27
N GLY B 159 -12.47 -0.04 4.38
CA GLY B 159 -11.24 -0.72 4.74
C GLY B 159 -11.50 -2.16 5.16
N ALA B 160 -12.60 -2.40 5.86
CA ALA B 160 -12.96 -3.76 6.24
C ALA B 160 -13.20 -4.62 5.00
N VAL B 161 -13.96 -4.12 4.04
CA VAL B 161 -14.21 -4.85 2.79
C VAL B 161 -12.90 -5.17 2.09
N ARG B 162 -11.99 -4.19 2.04
CA ARG B 162 -10.71 -4.38 1.35
C ARG B 162 -9.97 -5.60 1.87
N ILE B 163 -9.85 -5.74 3.19
CA ILE B 163 -9.00 -6.78 3.74
C ILE B 163 -9.77 -8.07 3.95
N MET B 164 -11.05 -8.00 4.34
CA MET B 164 -11.87 -9.21 4.42
C MET B 164 -11.92 -9.94 3.08
N SER B 165 -11.94 -9.18 1.98
CA SER B 165 -11.95 -9.78 0.65
C SER B 165 -10.68 -10.59 0.40
N LYS B 166 -9.54 -10.10 0.88
CA LYS B 166 -8.30 -10.85 0.69
C LYS B 166 -8.34 -12.19 1.42
N SER B 167 -8.87 -12.20 2.65
CA SER B 167 -9.06 -13.45 3.38
C SER B 167 -9.83 -14.45 2.54
N ALA B 168 -10.99 -14.03 2.04
CA ALA B 168 -11.84 -14.90 1.23
C ALA B 168 -11.12 -15.38 -0.02
N ALA B 169 -10.48 -14.46 -0.74
CA ALA B 169 -9.70 -14.82 -1.92
C ALA B 169 -8.67 -15.91 -1.61
N LEU B 170 -7.91 -15.74 -0.53
CA LEU B 170 -6.87 -16.71 -0.20
C LEU B 170 -7.45 -18.07 0.14
N ASP B 171 -8.50 -18.10 0.96
CA ASP B 171 -9.09 -19.38 1.34
C ASP B 171 -9.62 -20.12 0.11
N CYS B 172 -10.32 -19.41 -0.78
CA CYS B 172 -10.85 -20.02 -2.00
C CYS B 172 -9.73 -20.54 -2.89
N ALA B 173 -8.62 -19.78 -2.99
CA ALA B 173 -7.51 -20.21 -3.84
C ALA B 173 -6.82 -21.44 -3.27
N LEU B 174 -6.50 -21.41 -1.97
CA LEU B 174 -5.80 -22.53 -1.34
C LEU B 174 -6.64 -23.81 -1.36
N LYS B 175 -7.95 -23.68 -1.28
CA LYS B 175 -8.81 -24.86 -1.28
C LYS B 175 -9.27 -25.25 -2.69
N ASP B 176 -8.76 -24.60 -3.73
CA ASP B 176 -9.11 -24.90 -5.13
C ASP B 176 -10.62 -24.86 -5.35
N TYR B 177 -11.28 -23.85 -4.79
CA TYR B 177 -12.73 -23.71 -4.85
C TYR B 177 -13.25 -23.25 -6.20
N ASP B 178 -12.39 -22.72 -7.08
CA ASP B 178 -12.81 -22.10 -8.35
C ASP B 178 -13.69 -20.88 -8.10
N VAL B 179 -13.29 -20.08 -7.12
CA VAL B 179 -13.93 -18.81 -6.79
C VAL B 179 -12.84 -17.78 -6.58
N ARG B 180 -12.90 -16.68 -7.30
CA ARG B 180 -11.99 -15.56 -7.08
C ARG B 180 -12.74 -14.44 -6.38
N VAL B 181 -12.00 -13.62 -5.63
CA VAL B 181 -12.56 -12.50 -4.86
C VAL B 181 -11.62 -11.33 -5.04
N ASN B 182 -12.14 -10.21 -5.51
CA ASN B 182 -11.35 -8.99 -5.71
C ASN B 182 -12.16 -7.79 -5.25
N THR B 183 -11.48 -6.66 -5.04
CA THR B 183 -12.18 -5.43 -4.69
C THR B 183 -11.98 -4.38 -5.77
N VAL B 184 -13.02 -3.57 -5.97
CA VAL B 184 -13.00 -2.44 -6.89
C VAL B 184 -13.05 -1.16 -6.04
N HIS B 185 -12.25 -0.17 -6.45
CA HIS B 185 -12.09 1.07 -5.67
C HIS B 185 -12.36 2.26 -6.58
N PRO B 186 -13.63 2.60 -6.78
CA PRO B 186 -13.94 3.80 -7.57
C PRO B 186 -13.51 5.06 -6.83
N GLY B 187 -13.00 6.02 -7.59
CA GLY B 187 -12.96 7.39 -7.16
C GLY B 187 -14.35 7.99 -7.35
N PRO B 188 -14.46 9.31 -7.35
CA PRO B 188 -15.78 9.94 -7.47
C PRO B 188 -16.43 9.63 -8.81
N ILE B 189 -17.70 9.21 -8.75
CA ILE B 189 -18.47 8.82 -9.93
C ILE B 189 -19.80 9.55 -9.89
N LYS B 190 -20.23 10.08 -11.04
CA LYS B 190 -21.52 10.76 -11.14
C LYS B 190 -22.65 9.74 -10.98
N THR B 191 -23.31 9.75 -9.82
CA THR B 191 -24.38 8.82 -9.49
C THR B 191 -25.38 9.57 -8.62
N PRO B 192 -26.58 8.99 -8.43
CA PRO B 192 -27.54 9.62 -7.49
C PRO B 192 -26.98 9.84 -6.08
N LEU B 193 -26.12 8.94 -5.59
CA LEU B 193 -25.44 9.18 -4.32
C LEU B 193 -24.72 10.52 -4.33
N VAL B 194 -23.99 10.80 -5.42
CA VAL B 194 -23.23 12.03 -5.51
C VAL B 194 -24.15 13.20 -5.90
N ASP B 195 -25.12 12.94 -6.77
CA ASP B 195 -26.03 13.99 -7.23
C ASP B 195 -26.80 14.60 -6.07
N ASP B 196 -27.13 13.79 -5.06
CA ASP B 196 -27.97 14.25 -3.95
C ASP B 196 -27.22 15.11 -2.95
N LEU B 197 -25.90 14.96 -2.86
CA LEU B 197 -25.09 15.79 -1.96
C LEU B 197 -24.75 17.11 -2.68
N GLU B 198 -25.39 18.19 -2.25
CA GLU B 198 -25.21 19.48 -2.90
C GLU B 198 -23.75 19.94 -2.82
N GLY B 199 -23.13 20.14 -3.99
CA GLY B 199 -21.77 20.61 -4.08
C GLY B 199 -20.73 19.52 -4.24
N ALA B 200 -21.12 18.25 -4.16
CA ALA B 200 -20.15 17.17 -4.09
C ALA B 200 -19.36 17.04 -5.39
N GLU B 201 -20.03 17.13 -6.54
CA GLU B 201 -19.33 16.94 -7.81
C GLU B 201 -18.34 18.08 -8.07
N GLU B 202 -18.76 19.33 -7.80
CA GLU B 202 -17.83 20.46 -7.89
C GLU B 202 -16.62 20.23 -6.99
N MET B 203 -16.86 19.87 -5.73
CA MET B 203 -15.77 19.68 -4.77
C MET B 203 -14.82 18.58 -5.22
N MET B 204 -15.36 17.44 -5.68
CA MET B 204 -14.51 16.34 -6.08
C MET B 204 -13.85 16.58 -7.43
N SER B 205 -14.29 17.59 -8.18
CA SER B 205 -13.70 17.89 -9.48
C SER B 205 -12.49 18.82 -9.38
N GLN B 206 -12.24 19.43 -8.22
CA GLN B 206 -11.02 20.20 -8.03
C GLN B 206 -9.80 19.31 -8.25
N ARG B 207 -8.72 19.92 -8.75
CA ARG B 207 -7.53 19.16 -9.11
C ARG B 207 -6.85 18.57 -7.88
N THR B 208 -6.96 19.23 -6.72
CA THR B 208 -6.42 18.70 -5.48
C THR B 208 -7.18 17.47 -4.99
N LYS B 209 -8.35 17.18 -5.59
CA LYS B 209 -9.10 15.97 -5.30
C LYS B 209 -8.89 14.97 -6.44
N THR B 210 -9.49 15.22 -7.60
CA THR B 210 -9.31 14.33 -8.73
C THR B 210 -8.42 15.00 -9.76
N PRO B 211 -7.19 14.52 -9.96
CA PRO B 211 -6.26 15.21 -10.88
C PRO B 211 -6.79 15.35 -12.30
N MET B 212 -7.70 14.48 -12.76
CA MET B 212 -8.25 14.64 -14.10
C MET B 212 -9.18 15.84 -14.21
N GLY B 213 -9.58 16.45 -13.09
CA GLY B 213 -10.41 17.65 -13.15
C GLY B 213 -11.87 17.40 -13.42
N HIS B 214 -12.35 16.16 -13.24
CA HIS B 214 -13.74 15.81 -13.40
C HIS B 214 -13.95 14.46 -12.73
N ILE B 215 -15.21 14.13 -12.46
CA ILE B 215 -15.51 12.86 -11.82
C ILE B 215 -15.85 11.86 -12.92
N GLY B 216 -15.86 10.57 -12.58
CA GLY B 216 -16.10 9.54 -13.56
C GLY B 216 -17.58 9.32 -13.82
N GLU B 217 -17.88 8.29 -14.58
CA GLU B 217 -19.23 7.91 -14.94
C GLU B 217 -19.45 6.45 -14.61
N PRO B 218 -20.69 6.03 -14.37
CA PRO B 218 -20.93 4.64 -13.95
C PRO B 218 -20.33 3.61 -14.89
N ASN B 219 -20.29 3.86 -16.21
CA ASN B 219 -19.69 2.87 -17.08
C ASN B 219 -18.20 2.65 -16.77
N ASP B 220 -17.52 3.64 -16.20
CA ASP B 220 -16.11 3.44 -15.83
C ASP B 220 -15.96 2.28 -14.85
N ILE B 221 -16.90 2.15 -13.91
CA ILE B 221 -16.85 1.04 -12.98
C ILE B 221 -17.42 -0.22 -13.63
N ALA B 222 -18.42 -0.10 -14.49
CA ALA B 222 -18.98 -1.28 -15.13
C ALA B 222 -17.91 -2.07 -15.89
N TRP B 223 -17.02 -1.37 -16.60
CA TRP B 223 -16.07 -2.08 -17.47
C TRP B 223 -15.01 -2.84 -16.68
N ILE B 224 -14.53 -2.29 -15.55
CA ILE B 224 -13.60 -3.08 -14.74
C ILE B 224 -14.31 -4.29 -14.14
N CYS B 225 -15.60 -4.17 -13.80
CA CYS B 225 -16.34 -5.31 -13.28
C CYS B 225 -16.51 -6.39 -14.35
N VAL B 226 -16.74 -6.00 -15.61
CA VAL B 226 -16.80 -6.97 -16.70
C VAL B 226 -15.52 -7.78 -16.75
N TYR B 227 -14.37 -7.10 -16.71
CA TYR B 227 -13.10 -7.80 -16.71
C TYR B 227 -13.01 -8.77 -15.54
N LEU B 228 -13.40 -8.32 -14.35
CA LEU B 228 -13.25 -9.16 -13.16
C LEU B 228 -14.23 -10.34 -13.14
N ALA B 229 -15.42 -10.16 -13.72
CA ALA B 229 -16.40 -11.25 -13.79
C ALA B 229 -16.03 -12.29 -14.86
N SER B 230 -15.31 -11.87 -15.89
CA SER B 230 -15.00 -12.74 -17.01
C SER B 230 -13.81 -13.64 -16.72
N ASP B 231 -13.69 -14.70 -17.52
CA ASP B 231 -12.56 -15.61 -17.37
C ASP B 231 -11.23 -14.98 -17.83
N GLU B 232 -11.26 -13.80 -18.46
CA GLU B 232 -10.01 -13.10 -18.75
C GLU B 232 -9.18 -12.87 -17.51
N SER B 233 -9.83 -12.76 -16.35
CA SER B 233 -9.15 -12.43 -15.09
C SER B 233 -8.96 -13.66 -14.20
N LYS B 234 -8.86 -14.85 -14.81
CA LYS B 234 -8.78 -16.11 -14.07
C LYS B 234 -7.54 -16.23 -13.19
N PHE B 235 -6.55 -15.35 -13.34
CA PHE B 235 -5.39 -15.34 -12.44
C PHE B 235 -5.41 -14.17 -11.45
N ALA B 236 -6.48 -13.38 -11.42
CA ALA B 236 -6.58 -12.24 -10.52
C ALA B 236 -7.47 -12.62 -9.33
N THR B 237 -6.89 -12.60 -8.12
CA THR B 237 -7.65 -12.80 -6.89
C THR B 237 -6.94 -12.08 -5.74
N GLY B 238 -7.73 -11.58 -4.80
CA GLY B 238 -7.18 -10.86 -3.67
C GLY B 238 -6.63 -9.48 -3.97
N ALA B 239 -6.92 -8.91 -5.14
CA ALA B 239 -6.28 -7.67 -5.59
C ALA B 239 -7.29 -6.52 -5.64
N GLU B 240 -6.74 -5.32 -5.75
CA GLU B 240 -7.49 -4.06 -5.65
C GLU B 240 -7.41 -3.31 -6.98
N PHE B 241 -8.56 -3.06 -7.57
CA PHE B 241 -8.62 -2.46 -8.90
C PHE B 241 -9.19 -1.05 -8.76
N VAL B 242 -8.33 -0.05 -9.02
CA VAL B 242 -8.56 1.34 -8.67
C VAL B 242 -8.85 2.11 -9.95
N VAL B 243 -10.04 2.72 -10.03
CA VAL B 243 -10.45 3.51 -11.18
C VAL B 243 -10.90 4.85 -10.63
N ASP B 244 -9.99 5.84 -10.59
CA ASP B 244 -10.26 7.00 -9.73
C ASP B 244 -9.72 8.33 -10.25
N GLY B 245 -9.39 8.45 -11.53
CA GLY B 245 -8.97 9.73 -12.07
C GLY B 245 -7.64 10.22 -11.54
N GLY B 246 -6.88 9.35 -10.90
CA GLY B 246 -5.62 9.73 -10.28
C GLY B 246 -5.72 10.12 -8.82
N TYR B 247 -6.90 9.94 -8.20
CA TYR B 247 -7.16 10.51 -6.89
C TYR B 247 -6.13 10.05 -5.86
N THR B 248 -5.87 8.74 -5.80
CA THR B 248 -4.97 8.17 -4.81
C THR B 248 -3.51 8.11 -5.27
N ALA B 249 -3.21 8.51 -6.50
CA ALA B 249 -1.82 8.54 -6.97
C ALA B 249 -1.04 9.76 -6.47
N GLN B 250 -1.73 10.77 -5.94
CA GLN B 250 -1.06 11.91 -5.34
C GLN B 250 -1.29 11.92 -3.82
N ASP C 1 -11.65 -4.85 -32.53
CA ASP C 1 -12.87 -4.48 -31.83
C ASP C 1 -12.59 -3.51 -30.68
N ARG C 2 -12.19 -4.04 -29.52
CA ARG C 2 -12.07 -3.18 -28.34
C ARG C 2 -10.92 -2.18 -28.44
N LEU C 3 -9.97 -2.39 -29.35
CA LEU C 3 -8.84 -1.48 -29.54
C LEU C 3 -8.88 -0.86 -30.94
N LYS C 4 -10.08 -0.59 -31.43
CA LYS C 4 -10.26 -0.06 -32.78
C LYS C 4 -9.48 1.24 -32.97
N GLY C 5 -8.64 1.28 -34.00
CA GLY C 5 -7.90 2.49 -34.30
C GLY C 5 -6.67 2.73 -33.45
N LYS C 6 -6.40 1.89 -32.46
CA LYS C 6 -5.21 2.08 -31.64
C LYS C 6 -3.96 1.62 -32.38
N VAL C 7 -2.84 2.27 -32.07
CA VAL C 7 -1.53 1.97 -32.66
C VAL C 7 -0.55 1.80 -31.51
N ALA C 8 -0.05 0.59 -31.30
CA ALA C 8 0.72 0.25 -30.09
C ALA C 8 2.17 -0.07 -30.42
N ILE C 9 3.07 0.40 -29.55
CA ILE C 9 4.43 -0.11 -29.45
C ILE C 9 4.50 -1.01 -28.23
N VAL C 10 4.95 -2.25 -28.40
CA VAL C 10 5.16 -3.19 -27.31
C VAL C 10 6.64 -3.56 -27.29
N THR C 11 7.38 -3.03 -26.33
CA THR C 11 8.79 -3.40 -26.26
C THR C 11 8.91 -4.80 -25.67
N GLY C 12 9.94 -5.51 -26.12
CA GLY C 12 10.08 -6.91 -25.74
C GLY C 12 8.85 -7.72 -26.12
N GLY C 13 8.32 -7.51 -27.31
CA GLY C 13 7.09 -8.16 -27.72
C GLY C 13 7.29 -9.41 -28.56
N THR C 14 8.47 -10.02 -28.53
CA THR C 14 8.71 -11.19 -29.36
C THR C 14 8.62 -12.50 -28.60
N LEU C 15 8.55 -12.47 -27.27
CA LEU C 15 8.46 -13.68 -26.46
C LEU C 15 7.55 -13.42 -25.27
N GLY C 16 7.03 -14.50 -24.72
CA GLY C 16 6.45 -14.46 -23.38
C GLY C 16 5.28 -13.49 -23.25
N ILE C 17 5.33 -12.70 -22.17
CA ILE C 17 4.24 -11.78 -21.89
C ILE C 17 4.04 -10.79 -23.04
N GLY C 18 5.14 -10.23 -23.55
CA GLY C 18 5.01 -9.19 -24.57
C GLY C 18 4.41 -9.73 -25.86
N LEU C 19 4.75 -10.96 -26.22
CA LEU C 19 4.18 -11.61 -27.41
C LEU C 19 2.66 -11.75 -27.28
N ALA C 20 2.18 -12.13 -26.09
CA ALA C 20 0.74 -12.31 -25.91
C ALA C 20 0.01 -10.97 -25.91
N ILE C 21 0.61 -9.94 -25.30
CA ILE C 21 0.03 -8.60 -25.41
C ILE C 21 -0.13 -8.22 -26.87
N ALA C 22 0.93 -8.42 -27.66
CA ALA C 22 0.86 -8.13 -29.09
C ALA C 22 -0.23 -8.95 -29.76
N ASP C 23 -0.32 -10.24 -29.43
CA ASP C 23 -1.29 -11.13 -30.07
C ASP C 23 -2.72 -10.66 -29.80
N LYS C 24 -3.02 -10.36 -28.53
CA LYS C 24 -4.39 -9.94 -28.25
C LYS C 24 -4.65 -8.52 -28.69
N PHE C 25 -3.64 -7.65 -28.70
CA PHE C 25 -3.83 -6.30 -29.22
C PHE C 25 -4.28 -6.37 -30.68
N VAL C 26 -3.62 -7.20 -31.48
CA VAL C 26 -3.97 -7.34 -32.90
C VAL C 26 -5.36 -7.96 -33.03
N GLU C 27 -5.65 -8.98 -32.23
CA GLU C 27 -6.98 -9.58 -32.26
C GLU C 27 -8.08 -8.56 -31.98
N GLU C 28 -7.79 -7.53 -31.17
CA GLU C 28 -8.77 -6.51 -30.86
C GLU C 28 -8.68 -5.28 -31.76
N GLY C 29 -7.94 -5.36 -32.87
CA GLY C 29 -8.00 -4.32 -33.88
C GLY C 29 -6.90 -3.29 -33.84
N ALA C 30 -5.96 -3.40 -32.90
CA ALA C 30 -4.83 -2.48 -32.88
C ALA C 30 -3.78 -2.87 -33.91
N LYS C 31 -3.10 -1.86 -34.44
CA LYS C 31 -1.85 -2.05 -35.15
C LYS C 31 -0.72 -2.09 -34.13
N VAL C 32 0.25 -2.99 -34.32
CA VAL C 32 1.27 -3.21 -33.29
C VAL C 32 2.66 -3.23 -33.92
N VAL C 33 3.62 -2.55 -33.27
CA VAL C 33 5.04 -2.75 -33.51
C VAL C 33 5.61 -3.41 -32.27
N ILE C 34 6.21 -4.58 -32.45
CA ILE C 34 6.93 -5.26 -31.37
C ILE C 34 8.42 -5.04 -31.55
N THR C 35 9.15 -4.88 -30.44
CA THR C 35 10.59 -4.74 -30.48
C THR C 35 11.27 -5.91 -29.78
N GLY C 36 12.55 -6.08 -30.09
CA GLY C 36 13.37 -7.12 -29.53
C GLY C 36 14.79 -6.93 -30.06
N ARG C 37 15.73 -7.63 -29.43
CA ARG C 37 17.12 -7.50 -29.83
C ARG C 37 17.52 -8.48 -30.92
N HIS C 38 16.85 -9.63 -31.01
CA HIS C 38 17.21 -10.68 -31.95
C HIS C 38 16.28 -10.61 -33.16
N ALA C 39 16.85 -10.36 -34.34
CA ALA C 39 16.05 -10.04 -35.52
C ALA C 39 15.35 -11.28 -36.08
N ASP C 40 16.03 -12.41 -36.13
CA ASP C 40 15.40 -13.61 -36.67
C ASP C 40 14.19 -14.03 -35.83
N VAL C 41 14.36 -14.10 -34.50
CA VAL C 41 13.24 -14.40 -33.60
C VAL C 41 12.14 -13.36 -33.74
N GLY C 42 12.52 -12.10 -33.94
CA GLY C 42 11.53 -11.04 -33.95
C GLY C 42 10.66 -11.06 -35.19
N GLU C 43 11.27 -11.26 -36.37
CA GLU C 43 10.48 -11.34 -37.59
C GLU C 43 9.54 -12.54 -37.55
N LYS C 44 10.03 -13.66 -37.06
CA LYS C 44 9.16 -14.84 -36.95
C LYS C 44 8.01 -14.54 -35.98
N ALA C 45 8.32 -13.89 -34.87
CA ALA C 45 7.28 -13.55 -33.91
C ALA C 45 6.17 -12.72 -34.55
N ALA C 46 6.55 -11.65 -35.26
CA ALA C 46 5.57 -10.79 -35.92
C ALA C 46 4.75 -11.58 -36.93
N LYS C 47 5.41 -12.36 -37.76
CA LYS C 47 4.70 -13.14 -38.78
C LYS C 47 3.74 -14.15 -38.15
N SER C 48 4.10 -14.68 -36.97
CA SER C 48 3.25 -15.65 -36.29
C SER C 48 1.92 -15.06 -35.86
N ILE C 49 1.84 -13.74 -35.74
CA ILE C 49 0.63 -13.06 -35.31
C ILE C 49 -0.18 -12.55 -36.49
N GLY C 50 0.48 -12.00 -37.49
CA GLY C 50 -0.26 -11.46 -38.63
C GLY C 50 0.70 -10.89 -39.65
N GLY C 51 0.12 -10.22 -40.63
CA GLY C 51 0.90 -9.61 -41.69
C GLY C 51 1.32 -8.19 -41.36
N THR C 52 2.15 -7.64 -42.24
CA THR C 52 2.69 -6.30 -42.01
C THR C 52 1.62 -5.22 -42.04
N ASP C 53 0.39 -5.55 -42.43
CA ASP C 53 -0.69 -4.57 -42.32
C ASP C 53 -1.21 -4.42 -40.89
N VAL C 54 -0.88 -5.34 -39.98
CA VAL C 54 -1.33 -5.21 -38.60
C VAL C 54 -0.20 -5.26 -37.59
N ILE C 55 0.92 -5.91 -37.92
CA ILE C 55 2.00 -6.05 -36.94
C ILE C 55 3.34 -6.06 -37.68
N ARG C 56 4.33 -5.37 -37.11
CA ARG C 56 5.69 -5.35 -37.65
C ARG C 56 6.69 -5.42 -36.51
N PHE C 57 7.85 -6.02 -36.79
CA PHE C 57 8.95 -6.09 -35.83
C PHE C 57 9.98 -5.02 -36.11
N VAL C 58 10.48 -4.38 -35.05
CA VAL C 58 11.56 -3.41 -35.17
C VAL C 58 12.65 -3.81 -34.18
N GLN C 59 13.86 -4.01 -34.67
CA GLN C 59 14.99 -4.31 -33.79
C GLN C 59 15.35 -3.06 -33.00
N HIS C 60 15.21 -3.13 -31.67
CA HIS C 60 15.55 -1.98 -30.84
C HIS C 60 15.79 -2.45 -29.41
N ASP C 61 16.91 -2.04 -28.83
CA ASP C 61 17.19 -2.27 -27.42
C ASP C 61 16.54 -1.14 -26.63
N ALA C 62 15.63 -1.47 -25.71
CA ALA C 62 14.93 -0.44 -24.97
C ALA C 62 15.86 0.48 -24.21
N SER C 63 17.08 0.04 -23.89
CA SER C 63 18.04 0.89 -23.21
C SER C 63 18.67 1.92 -24.15
N ASP C 64 18.45 1.79 -25.46
CA ASP C 64 19.06 2.65 -26.46
C ASP C 64 18.18 3.89 -26.65
N GLU C 65 18.65 5.03 -26.12
CA GLU C 65 17.82 6.24 -26.07
C GLU C 65 17.54 6.79 -27.46
N ALA C 66 18.59 6.95 -28.28
CA ALA C 66 18.38 7.50 -29.62
C ALA C 66 17.49 6.61 -30.47
N GLY C 67 17.55 5.29 -30.26
CA GLY C 67 16.72 4.37 -31.03
C GLY C 67 15.23 4.52 -30.76
N TRP C 68 14.87 5.09 -29.60
CA TRP C 68 13.45 5.30 -29.28
C TRP C 68 12.81 6.28 -30.25
N THR C 69 13.54 7.33 -30.63
CA THR C 69 12.98 8.30 -31.58
C THR C 69 12.76 7.66 -32.95
N LYS C 70 13.76 6.90 -33.43
CA LYS C 70 13.58 6.14 -34.66
C LYS C 70 12.41 5.17 -34.56
N LEU C 71 12.25 4.52 -33.40
CA LEU C 71 11.16 3.55 -33.25
C LEU C 71 9.79 4.22 -33.38
N PHE C 72 9.62 5.40 -32.77
CA PHE C 72 8.35 6.12 -32.93
C PHE C 72 8.12 6.52 -34.38
N ASP C 73 9.17 7.04 -35.03
CA ASP C 73 9.06 7.46 -36.43
C ASP C 73 8.68 6.29 -37.33
N THR C 74 9.35 5.16 -37.14
CA THR C 74 9.05 3.97 -37.94
C THR C 74 7.61 3.51 -37.72
N THR C 75 7.16 3.48 -36.47
CA THR C 75 5.79 3.07 -36.19
C THR C 75 4.78 4.01 -36.80
N GLU C 76 5.00 5.33 -36.66
CA GLU C 76 4.03 6.28 -37.18
C GLU C 76 4.01 6.28 -38.71
N GLU C 77 5.16 6.08 -39.35
CA GLU C 77 5.18 5.96 -40.80
C GLU C 77 4.36 4.76 -41.25
N ALA C 78 4.41 3.67 -40.48
CA ALA C 78 3.71 2.45 -40.87
C ALA C 78 2.21 2.56 -40.64
N PHE C 79 1.81 3.06 -39.47
CA PHE C 79 0.44 2.88 -38.99
C PHE C 79 -0.25 4.16 -38.57
N GLY C 80 0.43 5.30 -38.61
CA GLY C 80 -0.13 6.54 -38.11
C GLY C 80 0.27 6.80 -36.67
N PRO C 81 -0.22 7.89 -36.09
CA PRO C 81 0.27 8.30 -34.76
C PRO C 81 0.10 7.23 -33.70
N VAL C 82 1.20 6.97 -32.97
CA VAL C 82 1.16 6.01 -31.88
C VAL C 82 0.17 6.47 -30.81
N THR C 83 -0.66 5.54 -30.34
CA THR C 83 -1.62 5.82 -29.29
C THR C 83 -1.31 5.12 -27.98
N THR C 84 -0.42 4.14 -28.00
CA THR C 84 -0.32 3.19 -26.89
C THR C 84 1.10 2.68 -26.80
N VAL C 85 1.70 2.80 -25.61
CA VAL C 85 3.08 2.36 -25.38
C VAL C 85 3.06 1.36 -24.24
N VAL C 86 3.50 0.13 -24.51
CA VAL C 86 3.63 -0.89 -23.47
C VAL C 86 5.11 -1.10 -23.22
N ASN C 87 5.61 -0.57 -22.10
CA ASN C 87 7.03 -0.69 -21.74
C ASN C 87 7.21 -2.02 -21.02
N ASN C 88 7.42 -3.07 -21.81
CA ASN C 88 7.42 -4.42 -21.29
C ASN C 88 8.80 -5.04 -21.22
N ALA C 89 9.75 -4.60 -22.06
CA ALA C 89 11.09 -5.18 -22.04
C ALA C 89 11.70 -5.11 -20.65
N GLY C 90 12.33 -6.21 -20.24
CA GLY C 90 12.91 -6.28 -18.91
C GLY C 90 13.70 -7.54 -18.70
N ILE C 91 14.67 -7.48 -17.78
CA ILE C 91 15.57 -8.58 -17.50
C ILE C 91 15.69 -8.75 -15.99
N ALA C 92 16.22 -9.89 -15.58
CA ALA C 92 16.34 -10.24 -14.19
C ALA C 92 17.77 -10.66 -13.91
N VAL C 93 18.16 -10.60 -12.64
CA VAL C 93 19.44 -11.14 -12.20
C VAL C 93 19.24 -11.72 -10.81
N SER C 94 19.66 -12.98 -10.64
CA SER C 94 19.40 -13.71 -9.40
C SER C 94 20.53 -13.44 -8.42
N LYS C 95 20.47 -12.26 -7.80
CA LYS C 95 21.45 -11.84 -6.81
C LYS C 95 20.73 -11.09 -5.69
N SER C 96 21.14 -11.35 -4.46
CA SER C 96 20.80 -10.47 -3.35
C SER C 96 21.43 -9.10 -3.59
N VAL C 97 20.93 -8.09 -2.86
CA VAL C 97 21.59 -6.79 -2.84
C VAL C 97 23.07 -6.94 -2.50
N GLU C 98 23.34 -7.73 -1.43
CA GLU C 98 24.71 -7.99 -1.00
C GLU C 98 25.59 -8.55 -2.11
N ASP C 99 25.06 -9.49 -2.89
CA ASP C 99 25.84 -10.19 -3.90
C ASP C 99 25.80 -9.52 -5.27
N THR C 100 25.09 -8.40 -5.42
CA THR C 100 24.97 -7.75 -6.72
C THR C 100 26.25 -6.99 -7.05
N THR C 101 26.84 -7.28 -8.21
CA THR C 101 27.95 -6.45 -8.66
C THR C 101 27.43 -5.14 -9.24
N THR C 102 28.28 -4.12 -9.21
CA THR C 102 27.85 -2.82 -9.72
C THR C 102 27.51 -2.90 -11.20
N GLU C 103 28.21 -3.75 -11.97
CA GLU C 103 27.86 -3.88 -13.38
C GLU C 103 26.51 -4.57 -13.56
N GLU C 104 26.23 -5.62 -12.78
CA GLU C 104 24.90 -6.25 -12.83
C GLU C 104 23.82 -5.24 -12.51
N TRP C 105 24.08 -4.39 -11.50
CA TRP C 105 23.15 -3.36 -11.08
C TRP C 105 22.89 -2.38 -12.21
N ARG C 106 23.95 -1.85 -12.82
N ARG C 106 23.95 -1.85 -12.82
CA ARG C 106 23.79 -0.86 -13.88
CA ARG C 106 23.79 -0.86 -13.88
C ARG C 106 23.11 -1.47 -15.10
C ARG C 106 23.13 -1.46 -15.11
N LYS C 107 23.49 -2.70 -15.46
CA LYS C 107 22.92 -3.32 -16.65
C LYS C 107 21.42 -3.54 -16.51
N LEU C 108 20.99 -4.11 -15.38
CA LEU C 108 19.56 -4.34 -15.20
C LEU C 108 18.80 -3.02 -15.22
N LEU C 109 19.31 -2.00 -14.53
CA LEU C 109 18.60 -0.73 -14.47
C LEU C 109 18.56 -0.03 -15.83
N SER C 110 19.55 -0.27 -16.69
CA SER C 110 19.54 0.36 -18.01
C SER C 110 18.38 -0.13 -18.87
N VAL C 111 17.90 -1.35 -18.66
CA VAL C 111 16.76 -1.88 -19.43
C VAL C 111 15.46 -1.63 -18.67
N ASN C 112 15.40 -2.13 -17.43
CA ASN C 112 14.15 -2.14 -16.66
C ASN C 112 13.71 -0.76 -16.21
N LEU C 113 14.64 0.19 -16.04
CA LEU C 113 14.30 1.52 -15.57
C LEU C 113 14.50 2.58 -16.64
N ASP C 114 15.72 2.70 -17.20
CA ASP C 114 15.95 3.68 -18.26
C ASP C 114 15.00 3.48 -19.42
N GLY C 115 14.80 2.21 -19.82
CA GLY C 115 13.93 1.94 -20.96
C GLY C 115 12.49 2.37 -20.71
N VAL C 116 11.99 2.15 -19.49
CA VAL C 116 10.65 2.60 -19.15
C VAL C 116 10.60 4.12 -19.10
N PHE C 117 11.65 4.75 -18.57
CA PHE C 117 11.75 6.21 -18.58
C PHE C 117 11.71 6.75 -20.01
N PHE C 118 12.58 6.20 -20.89
CA PHE C 118 12.67 6.70 -22.26
C PHE C 118 11.33 6.57 -22.98
N GLY C 119 10.69 5.41 -22.83
CA GLY C 119 9.43 5.19 -23.53
C GLY C 119 8.31 6.06 -22.99
N THR C 120 8.29 6.25 -21.66
CA THR C 120 7.27 7.10 -21.05
C THR C 120 7.46 8.57 -21.41
N ARG C 121 8.69 9.06 -21.32
CA ARG C 121 8.99 10.46 -21.65
C ARG C 121 8.62 10.77 -23.09
N LEU C 122 9.08 9.95 -24.03
CA LEU C 122 8.81 10.20 -25.44
C LEU C 122 7.34 9.97 -25.77
N GLY C 123 6.74 8.95 -25.17
CA GLY C 123 5.33 8.71 -25.37
C GLY C 123 4.48 9.91 -24.99
N ILE C 124 4.79 10.55 -23.86
CA ILE C 124 4.06 11.75 -23.49
C ILE C 124 4.29 12.86 -24.52
N GLN C 125 5.55 13.08 -24.88
CA GLN C 125 5.86 14.09 -25.89
C GLN C 125 5.11 13.86 -27.19
N ARG C 126 5.04 12.61 -27.64
CA ARG C 126 4.55 12.33 -28.99
C ARG C 126 3.04 12.08 -29.04
N MET C 127 2.40 11.79 -27.92
CA MET C 127 0.98 11.44 -27.92
C MET C 127 0.09 12.48 -27.24
N LYS C 128 0.66 13.44 -26.49
CA LYS C 128 -0.17 14.41 -25.79
C LYS C 128 -0.94 15.30 -26.75
N ASN C 129 -2.14 15.72 -26.31
CA ASN C 129 -2.90 16.79 -26.95
C ASN C 129 -3.35 16.44 -28.36
N LYS C 130 -3.52 15.15 -28.65
CA LYS C 130 -3.90 14.72 -30.00
C LYS C 130 -5.25 14.00 -30.01
N GLY C 131 -5.96 13.96 -28.88
CA GLY C 131 -7.25 13.30 -28.84
C GLY C 131 -7.21 11.83 -29.16
N LEU C 132 -6.10 11.16 -28.83
CA LEU C 132 -5.93 9.75 -29.19
C LEU C 132 -6.45 8.79 -28.14
N GLY C 133 -6.82 9.27 -26.95
CA GLY C 133 -7.08 8.36 -25.86
C GLY C 133 -5.84 7.54 -25.58
N ALA C 134 -4.73 8.23 -25.42
CA ALA C 134 -3.44 7.57 -25.34
C ALA C 134 -3.25 6.91 -23.98
N SER C 135 -2.52 5.80 -23.99
CA SER C 135 -2.33 5.01 -22.78
C SER C 135 -0.91 4.48 -22.75
N ILE C 136 -0.22 4.71 -21.65
CA ILE C 136 1.13 4.19 -21.41
C ILE C 136 1.01 3.15 -20.29
N ILE C 137 1.38 1.92 -20.60
CA ILE C 137 1.27 0.77 -19.71
C ILE C 137 2.68 0.34 -19.36
N ASN C 138 3.06 0.51 -18.10
CA ASN C 138 4.42 0.24 -17.66
C ASN C 138 4.45 -1.07 -16.89
N MET C 139 5.27 -2.01 -17.34
CA MET C 139 5.27 -3.34 -16.74
C MET C 139 6.15 -3.31 -15.50
N SER C 140 5.51 -3.24 -14.33
CA SER C 140 6.22 -3.49 -13.09
C SER C 140 6.14 -4.97 -12.78
N SER C 141 5.79 -5.32 -11.55
CA SER C 141 5.78 -6.72 -11.13
C SER C 141 5.29 -6.74 -9.69
N ILE C 142 4.92 -7.94 -9.21
CA ILE C 142 4.77 -8.11 -7.77
C ILE C 142 6.06 -7.71 -7.06
N GLU C 143 7.18 -7.82 -7.75
CA GLU C 143 8.46 -7.40 -7.19
C GLU C 143 8.63 -5.89 -7.17
N GLY C 144 7.61 -5.14 -7.57
CA GLY C 144 7.54 -3.72 -7.30
C GLY C 144 6.70 -3.40 -6.10
N LEU C 145 6.13 -4.41 -5.47
CA LEU C 145 5.23 -4.30 -4.33
C LEU C 145 5.78 -4.95 -3.08
N VAL C 146 6.46 -6.08 -3.23
CA VAL C 146 7.10 -6.75 -2.11
C VAL C 146 8.55 -7.01 -2.49
N GLY C 147 9.37 -7.29 -1.48
CA GLY C 147 10.76 -7.61 -1.75
C GLY C 147 10.98 -9.08 -2.01
N ASP C 148 12.11 -9.38 -2.65
CA ASP C 148 12.59 -10.74 -2.78
C ASP C 148 14.08 -10.76 -2.43
N PRO C 149 14.50 -11.62 -1.51
CA PRO C 149 15.89 -11.59 -1.04
C PRO C 149 16.91 -11.84 -2.13
N THR C 150 16.54 -12.48 -3.24
CA THR C 150 17.49 -12.82 -4.27
C THR C 150 17.26 -12.06 -5.59
N GLN C 151 16.52 -10.95 -5.56
N GLN C 151 16.56 -10.93 -5.52
CA GLN C 151 16.38 -10.12 -6.77
CA GLN C 151 16.24 -10.11 -6.69
C GLN C 151 16.45 -8.65 -6.37
C GLN C 151 16.43 -8.63 -6.36
N GLY C 152 17.59 -8.27 -5.80
CA GLY C 152 17.75 -6.91 -5.27
C GLY C 152 17.65 -5.82 -6.33
N ALA C 153 18.42 -5.93 -7.42
CA ALA C 153 18.38 -4.91 -8.46
C ALA C 153 17.03 -4.86 -9.14
N TYR C 154 16.43 -6.03 -9.36
CA TYR C 154 15.11 -6.13 -9.96
C TYR C 154 14.06 -5.40 -9.11
N ASN C 155 14.07 -5.67 -7.79
CA ASN C 155 13.18 -4.97 -6.87
C ASN C 155 13.33 -3.45 -7.00
N ALA C 156 14.58 -2.95 -7.00
CA ALA C 156 14.77 -1.52 -7.19
C ALA C 156 14.12 -1.05 -8.49
N SER C 157 14.37 -1.76 -9.59
CA SER C 157 13.87 -1.29 -10.88
C SER C 157 12.36 -1.26 -10.89
N LYS C 158 11.73 -2.29 -10.31
CA LYS C 158 10.27 -2.39 -10.38
C LYS C 158 9.60 -1.41 -9.42
N GLY C 159 10.24 -1.09 -8.29
CA GLY C 159 9.70 -0.03 -7.44
C GLY C 159 9.83 1.34 -8.07
N ALA C 160 10.96 1.59 -8.74
CA ALA C 160 11.13 2.84 -9.48
C ALA C 160 10.02 3.02 -10.51
N VAL C 161 9.75 1.98 -11.30
CA VAL C 161 8.74 2.06 -12.34
C VAL C 161 7.36 2.35 -11.72
N ARG C 162 7.06 1.69 -10.61
CA ARG C 162 5.80 1.90 -9.89
C ARG C 162 5.52 3.37 -9.61
N ILE C 163 6.48 4.06 -8.98
CA ILE C 163 6.19 5.43 -8.54
C ILE C 163 6.47 6.45 -9.64
N MET C 164 7.50 6.22 -10.46
CA MET C 164 7.74 7.11 -11.60
C MET C 164 6.50 7.19 -12.48
N SER C 165 5.78 6.08 -12.61
CA SER C 165 4.58 6.08 -13.43
C SER C 165 3.49 6.95 -12.82
N LYS C 166 3.42 7.03 -11.47
CA LYS C 166 2.45 7.92 -10.85
C LYS C 166 2.75 9.38 -11.16
N SER C 167 4.03 9.77 -11.14
CA SER C 167 4.39 11.15 -11.51
C SER C 167 3.87 11.49 -12.90
N ALA C 168 4.19 10.64 -13.87
CA ALA C 168 3.75 10.87 -15.25
C ALA C 168 2.23 10.91 -15.35
N ALA C 169 1.55 9.98 -14.68
CA ALA C 169 0.09 9.96 -14.71
C ALA C 169 -0.48 11.29 -14.22
N LEU C 170 0.02 11.77 -13.09
CA LEU C 170 -0.48 13.01 -12.52
C LEU C 170 -0.22 14.19 -13.46
N ASP C 171 1.00 14.32 -13.97
CA ASP C 171 1.32 15.45 -14.85
C ASP C 171 0.41 15.45 -16.08
N CYS C 172 0.24 14.29 -16.72
CA CYS C 172 -0.63 14.21 -17.88
C CYS C 172 -2.07 14.56 -17.54
N ALA C 173 -2.52 14.14 -16.35
CA ALA C 173 -3.91 14.42 -15.97
C ALA C 173 -4.12 15.90 -15.70
N LEU C 174 -3.21 16.51 -14.92
CA LEU C 174 -3.34 17.92 -14.57
C LEU C 174 -3.25 18.82 -15.79
N LYS C 175 -2.51 18.39 -16.82
CA LYS C 175 -2.33 19.22 -18.00
C LYS C 175 -3.31 18.88 -19.13
N ASP C 176 -4.29 18.00 -18.86
CA ASP C 176 -5.30 17.61 -19.85
C ASP C 176 -4.65 17.10 -21.15
N TYR C 177 -3.59 16.30 -21.00
CA TYR C 177 -2.84 15.79 -22.14
C TYR C 177 -3.59 14.72 -22.93
N ASP C 178 -4.64 14.12 -22.36
CA ASP C 178 -5.27 12.91 -22.91
C ASP C 178 -4.26 11.77 -23.01
N VAL C 179 -3.45 11.60 -21.96
CA VAL C 179 -2.53 10.47 -21.84
C VAL C 179 -2.70 9.89 -20.45
N ARG C 180 -2.92 8.58 -20.36
CA ARG C 180 -2.99 7.88 -19.09
C ARG C 180 -1.75 7.02 -18.92
N VAL C 181 -1.34 6.82 -17.67
CA VAL C 181 -0.18 6.01 -17.34
C VAL C 181 -0.56 5.13 -16.16
N ASN C 182 -0.34 3.81 -16.29
CA ASN C 182 -0.66 2.85 -15.24
C ASN C 182 0.42 1.78 -15.22
N THR C 183 0.49 1.03 -14.11
CA THR C 183 1.45 -0.07 -14.01
C THR C 183 0.71 -1.39 -13.90
N VAL C 184 1.28 -2.43 -14.50
CA VAL C 184 0.79 -3.80 -14.37
C VAL C 184 1.81 -4.58 -13.55
N HIS C 185 1.30 -5.44 -12.67
CA HIS C 185 2.12 -6.15 -11.69
C HIS C 185 1.80 -7.63 -11.80
N PRO C 186 2.44 -8.34 -12.74
CA PRO C 186 2.22 -9.78 -12.81
C PRO C 186 2.87 -10.49 -11.63
N GLY C 187 2.22 -11.53 -11.15
CA GLY C 187 2.87 -12.54 -10.36
C GLY C 187 3.62 -13.46 -11.29
N PRO C 188 3.94 -14.66 -10.83
CA PRO C 188 4.70 -15.60 -11.68
C PRO C 188 3.90 -16.00 -12.92
N ILE C 189 4.54 -15.87 -14.08
CA ILE C 189 3.95 -16.18 -15.37
C ILE C 189 4.89 -17.13 -16.13
N LYS C 190 4.34 -18.21 -16.65
CA LYS C 190 5.14 -19.12 -17.47
C LYS C 190 5.61 -18.44 -18.75
N THR C 191 6.90 -18.05 -18.79
CA THR C 191 7.57 -17.38 -19.92
C THR C 191 8.99 -17.92 -20.05
N PRO C 192 9.71 -17.61 -21.15
CA PRO C 192 11.13 -17.98 -21.21
C PRO C 192 11.96 -17.43 -20.06
N LEU C 193 11.68 -16.20 -19.61
CA LEU C 193 12.37 -15.66 -18.43
C LEU C 193 12.25 -16.61 -17.24
N VAL C 194 11.04 -17.14 -17.01
CA VAL C 194 10.84 -18.06 -15.90
C VAL C 194 11.30 -19.47 -16.26
N ASP C 195 11.04 -19.91 -17.51
CA ASP C 195 11.43 -21.25 -17.92
C ASP C 195 12.94 -21.44 -17.85
N ASP C 196 13.71 -20.41 -18.20
CA ASP C 196 15.16 -20.54 -18.33
C ASP C 196 15.88 -20.56 -17.00
N LEU C 197 15.22 -20.22 -15.91
CA LEU C 197 15.83 -20.28 -14.58
C LEU C 197 15.38 -21.56 -13.88
N GLU C 198 16.30 -22.51 -13.74
CA GLU C 198 16.00 -23.85 -13.24
C GLU C 198 15.43 -23.79 -11.82
N GLY C 199 14.29 -24.43 -11.61
CA GLY C 199 13.61 -24.36 -10.34
C GLY C 199 12.66 -23.18 -10.16
N ALA C 200 12.40 -22.40 -11.21
CA ALA C 200 11.55 -21.23 -11.04
C ALA C 200 10.09 -21.62 -10.85
N GLU C 201 9.51 -22.33 -11.82
CA GLU C 201 8.08 -22.60 -11.78
C GLU C 201 7.71 -23.51 -10.61
N GLU C 202 8.54 -24.50 -10.31
CA GLU C 202 8.29 -25.35 -9.15
C GLU C 202 8.20 -24.52 -7.87
N MET C 203 9.15 -23.62 -7.66
CA MET C 203 9.21 -22.86 -6.42
C MET C 203 8.07 -21.85 -6.33
N MET C 204 7.73 -21.25 -7.47
CA MET C 204 6.69 -20.19 -7.45
C MET C 204 5.30 -20.82 -7.35
N SER C 205 5.20 -22.10 -7.66
CA SER C 205 3.92 -22.79 -7.59
C SER C 205 3.57 -23.27 -6.18
N GLN C 206 4.52 -23.27 -5.25
CA GLN C 206 4.20 -23.61 -3.86
C GLN C 206 3.12 -22.66 -3.33
N ARG C 207 2.26 -23.19 -2.46
CA ARG C 207 1.16 -22.39 -1.92
C ARG C 207 1.66 -21.24 -1.07
N THR C 208 2.85 -21.38 -0.46
CA THR C 208 3.43 -20.28 0.31
C THR C 208 3.86 -19.13 -0.58
N LYS C 209 4.01 -19.37 -1.89
CA LYS C 209 4.31 -18.32 -2.84
C LYS C 209 3.04 -17.88 -3.56
N THR C 210 2.48 -18.75 -4.38
CA THR C 210 1.27 -18.42 -5.13
C THR C 210 0.10 -19.23 -4.61
N PRO C 211 -0.87 -18.61 -3.92
CA PRO C 211 -1.92 -19.38 -3.25
C PRO C 211 -2.75 -20.22 -4.19
N MET C 212 -2.92 -19.81 -5.46
CA MET C 212 -3.60 -20.65 -6.44
C MET C 212 -2.87 -21.95 -6.74
N GLY C 213 -1.60 -22.10 -6.31
CA GLY C 213 -0.89 -23.36 -6.49
C GLY C 213 -0.39 -23.62 -7.89
N HIS C 214 -0.32 -22.60 -8.73
CA HIS C 214 0.23 -22.69 -10.07
C HIS C 214 0.56 -21.27 -10.50
N ILE C 215 1.38 -21.15 -11.54
CA ILE C 215 1.73 -19.85 -12.07
C ILE C 215 0.81 -19.52 -13.24
N GLY C 216 0.83 -18.25 -13.66
CA GLY C 216 -0.07 -17.79 -14.69
C GLY C 216 0.44 -18.10 -16.09
N GLU C 217 -0.25 -17.55 -17.07
CA GLU C 217 0.12 -17.70 -18.47
C GLU C 217 0.15 -16.33 -19.13
N PRO C 218 0.87 -16.18 -20.24
CA PRO C 218 1.02 -14.84 -20.84
C PRO C 218 -0.30 -14.15 -21.17
N ASN C 219 -1.35 -14.91 -21.53
CA ASN C 219 -2.62 -14.26 -21.83
C ASN C 219 -3.20 -13.55 -20.61
N ASP C 220 -2.88 -14.04 -19.39
CA ASP C 220 -3.38 -13.39 -18.18
C ASP C 220 -2.95 -11.93 -18.13
N ILE C 221 -1.73 -11.64 -18.59
CA ILE C 221 -1.28 -10.25 -18.61
C ILE C 221 -1.77 -9.53 -19.86
N ALA C 222 -1.92 -10.24 -20.98
CA ALA C 222 -2.44 -9.60 -22.19
C ALA C 222 -3.80 -8.96 -21.93
N TRP C 223 -4.70 -9.68 -21.25
CA TRP C 223 -6.07 -9.18 -21.12
C TRP C 223 -6.17 -7.96 -20.22
N ILE C 224 -5.36 -7.84 -19.17
CA ILE C 224 -5.42 -6.59 -18.40
C ILE C 224 -4.82 -5.45 -19.24
N CYS C 225 -3.83 -5.75 -20.09
CA CYS C 225 -3.28 -4.72 -20.95
C CYS C 225 -4.29 -4.26 -21.99
N VAL C 226 -5.12 -5.16 -22.50
CA VAL C 226 -6.18 -4.76 -23.44
C VAL C 226 -7.10 -3.75 -22.78
N TYR C 227 -7.55 -4.07 -21.56
CA TYR C 227 -8.42 -3.16 -20.82
C TYR C 227 -7.76 -1.80 -20.65
N LEU C 228 -6.48 -1.79 -20.28
CA LEU C 228 -5.81 -0.52 -19.99
C LEU C 228 -5.52 0.29 -21.26
N ALA C 229 -5.30 -0.38 -22.39
CA ALA C 229 -5.10 0.32 -23.67
C ALA C 229 -6.42 0.84 -24.23
N SER C 230 -7.53 0.18 -23.93
CA SER C 230 -8.82 0.56 -24.49
C SER C 230 -9.39 1.79 -23.79
N ASP C 231 -10.36 2.42 -24.46
CA ASP C 231 -11.05 3.54 -23.84
C ASP C 231 -11.97 3.10 -22.70
N GLU C 232 -12.17 1.81 -22.50
CA GLU C 232 -12.94 1.34 -21.34
C GLU C 232 -12.34 1.83 -20.03
N SER C 233 -11.03 2.08 -20.00
CA SER C 233 -10.32 2.48 -18.79
C SER C 233 -9.99 3.98 -18.77
N LYS C 234 -10.81 4.80 -19.42
CA LYS C 234 -10.52 6.24 -19.57
C LYS C 234 -10.48 7.02 -18.27
N PHE C 235 -10.94 6.45 -17.15
CA PHE C 235 -10.86 7.09 -15.84
C PHE C 235 -9.80 6.45 -14.95
N ALA C 236 -9.00 5.52 -15.48
CA ALA C 236 -7.95 4.86 -14.72
C ALA C 236 -6.60 5.47 -15.07
N THR C 237 -5.94 6.06 -14.07
CA THR C 237 -4.59 6.55 -14.28
C THR C 237 -3.86 6.60 -12.94
N GLY C 238 -2.55 6.39 -13.01
CA GLY C 238 -1.70 6.35 -11.83
C GLY C 238 -1.90 5.16 -10.92
N ALA C 239 -2.54 4.10 -11.40
CA ALA C 239 -2.97 2.99 -10.57
C ALA C 239 -2.19 1.71 -10.89
N GLU C 240 -2.33 0.72 -10.00
CA GLU C 240 -1.54 -0.51 -10.05
C GLU C 240 -2.49 -1.70 -10.22
N PHE C 241 -2.31 -2.46 -11.29
CA PHE C 241 -3.19 -3.56 -11.63
C PHE C 241 -2.43 -4.86 -11.48
N VAL C 242 -2.85 -5.66 -10.49
CA VAL C 242 -2.09 -6.79 -9.99
C VAL C 242 -2.78 -8.07 -10.43
N VAL C 243 -2.06 -8.91 -11.15
CA VAL C 243 -2.58 -10.20 -11.65
C VAL C 243 -1.56 -11.24 -11.23
N ASP C 244 -1.79 -11.86 -10.05
CA ASP C 244 -0.69 -12.60 -9.43
C ASP C 244 -1.11 -13.86 -8.69
N GLY C 245 -2.29 -14.40 -8.96
CA GLY C 245 -2.74 -15.61 -8.29
C GLY C 245 -2.87 -15.49 -6.78
N GLY C 246 -2.99 -14.27 -6.25
CA GLY C 246 -3.07 -14.07 -4.82
C GLY C 246 -1.74 -13.85 -4.11
N TYR C 247 -0.63 -13.76 -4.86
CA TYR C 247 0.71 -13.75 -4.28
C TYR C 247 0.86 -12.66 -3.21
N THR C 248 0.44 -11.45 -3.54
CA THR C 248 0.61 -10.31 -2.64
C THR C 248 -0.55 -10.10 -1.68
N ALA C 249 -1.62 -10.90 -1.79
CA ALA C 249 -2.73 -10.79 -0.85
C ALA C 249 -2.43 -11.44 0.49
N GLN C 250 -1.36 -12.24 0.60
CA GLN C 250 -0.99 -12.86 1.87
C GLN C 250 0.33 -12.29 2.38
N ASP D 1 12.24 9.97 30.98
CA ASP D 1 10.94 10.67 31.10
C ASP D 1 10.45 11.08 29.70
N ARG D 2 10.45 10.16 28.75
CA ARG D 2 10.01 10.48 27.39
C ARG D 2 8.51 10.74 27.33
N LEU D 3 7.75 10.35 28.35
CA LEU D 3 6.31 10.59 28.41
C LEU D 3 5.95 11.46 29.60
N LYS D 4 6.84 12.38 29.97
CA LYS D 4 6.59 13.27 31.10
C LYS D 4 5.24 13.95 30.99
N GLY D 5 4.42 13.84 32.04
CA GLY D 5 3.13 14.49 32.11
C GLY D 5 2.00 13.81 31.36
N LYS D 6 2.26 12.73 30.62
CA LYS D 6 1.17 12.10 29.88
C LYS D 6 0.30 11.28 30.81
N VAL D 7 -0.97 11.17 30.44
CA VAL D 7 -1.99 10.41 31.16
C VAL D 7 -2.66 9.50 30.14
N ALA D 8 -2.47 8.19 30.30
CA ALA D 8 -2.84 7.23 29.26
C ALA D 8 -3.91 6.25 29.72
N ILE D 9 -4.84 5.95 28.82
CA ILE D 9 -5.73 4.79 28.92
C ILE D 9 -5.21 3.73 27.97
N VAL D 10 -4.98 2.52 28.48
CA VAL D 10 -4.61 1.36 27.66
C VAL D 10 -5.69 0.30 27.87
N THR D 11 -6.52 0.08 26.85
CA THR D 11 -7.56 -0.94 26.95
C THR D 11 -6.93 -2.32 26.75
N GLY D 12 -7.45 -3.31 27.47
CA GLY D 12 -6.83 -4.63 27.46
C GLY D 12 -5.39 -4.59 27.89
N GLY D 13 -5.11 -3.89 28.99
CA GLY D 13 -3.74 -3.70 29.42
C GLY D 13 -3.28 -4.61 30.53
N THR D 14 -4.00 -5.72 30.76
CA THR D 14 -3.67 -6.59 31.89
C THR D 14 -2.84 -7.81 31.49
N LEU D 15 -2.73 -8.08 30.20
CA LEU D 15 -1.94 -9.19 29.67
C LEU D 15 -1.26 -8.77 28.38
N GLY D 16 -0.23 -9.51 28.01
CA GLY D 16 0.29 -9.47 26.66
C GLY D 16 0.82 -8.10 26.26
N ILE D 17 0.45 -7.70 25.04
CA ILE D 17 0.93 -6.43 24.47
C ILE D 17 0.51 -5.26 25.34
N GLY D 18 -0.77 -5.20 25.73
CA GLY D 18 -1.25 -4.07 26.50
C GLY D 18 -0.52 -3.93 27.82
N LEU D 19 -0.20 -5.05 28.47
CA LEU D 19 0.55 -5.00 29.73
C LEU D 19 1.93 -4.40 29.53
N ALA D 20 2.61 -4.75 28.44
CA ALA D 20 3.94 -4.19 28.18
C ALA D 20 3.87 -2.72 27.81
N ILE D 21 2.85 -2.32 27.06
CA ILE D 21 2.64 -0.89 26.79
C ILE D 21 2.50 -0.13 28.10
N ALA D 22 1.70 -0.66 29.02
CA ALA D 22 1.48 0.02 30.29
C ALA D 22 2.78 0.07 31.09
N ASP D 23 3.53 -1.03 31.06
CA ASP D 23 4.82 -1.09 31.77
C ASP D 23 5.77 -0.01 31.27
N LYS D 24 6.00 0.04 29.96
CA LYS D 24 6.97 1.00 29.43
C LYS D 24 6.45 2.42 29.54
N PHE D 25 5.12 2.62 29.45
CA PHE D 25 4.56 3.96 29.64
C PHE D 25 4.87 4.49 31.04
N VAL D 26 4.67 3.65 32.07
CA VAL D 26 4.98 4.07 33.43
C VAL D 26 6.48 4.35 33.55
N GLU D 27 7.30 3.50 32.95
CA GLU D 27 8.75 3.70 33.01
C GLU D 27 9.15 5.07 32.49
N GLU D 28 8.47 5.55 31.45
CA GLU D 28 8.80 6.83 30.82
C GLU D 28 8.02 8.00 31.41
N GLY D 29 7.37 7.81 32.56
CA GLY D 29 6.80 8.91 33.29
C GLY D 29 5.31 9.13 33.13
N ALA D 30 4.61 8.28 32.40
CA ALA D 30 3.18 8.44 32.21
C ALA D 30 2.42 7.87 33.39
N LYS D 31 1.26 8.45 33.65
CA LYS D 31 0.26 7.86 34.52
C LYS D 31 -0.68 7.04 33.65
N VAL D 32 -1.02 5.84 34.09
CA VAL D 32 -1.70 4.89 33.22
C VAL D 32 -2.90 4.29 33.94
N VAL D 33 -4.02 4.18 33.23
CA VAL D 33 -5.13 3.31 33.62
C VAL D 33 -5.18 2.16 32.62
N ILE D 34 -5.14 0.91 33.12
CA ILE D 34 -5.31 -0.27 32.28
C ILE D 34 -6.72 -0.83 32.49
N THR D 35 -7.32 -1.36 31.41
CA THR D 35 -8.63 -1.97 31.52
C THR D 35 -8.56 -3.45 31.16
N GLY D 36 -9.59 -4.16 31.61
CA GLY D 36 -9.77 -5.57 31.34
C GLY D 36 -11.08 -5.99 31.96
N ARG D 37 -11.49 -7.23 31.67
CA ARG D 37 -12.78 -7.71 32.15
C ARG D 37 -12.68 -8.50 33.44
N HIS D 38 -11.49 -8.94 33.83
CA HIS D 38 -11.30 -9.81 34.99
C HIS D 38 -10.61 -9.00 36.08
N ALA D 39 -11.33 -8.73 37.17
CA ALA D 39 -10.82 -7.79 38.17
C ALA D 39 -9.61 -8.34 38.92
N ASP D 40 -9.52 -9.66 39.11
CA ASP D 40 -8.39 -10.15 39.90
C ASP D 40 -7.11 -10.16 39.10
N VAL D 41 -7.16 -10.61 37.84
CA VAL D 41 -6.01 -10.48 36.95
C VAL D 41 -5.59 -9.01 36.85
N GLY D 42 -6.57 -8.11 36.73
CA GLY D 42 -6.24 -6.71 36.46
C GLY D 42 -5.65 -5.99 37.65
N GLU D 43 -6.18 -6.22 38.83
CA GLU D 43 -5.61 -5.49 39.98
C GLU D 43 -4.16 -5.94 40.18
N LYS D 44 -3.89 -7.21 39.99
CA LYS D 44 -2.51 -7.73 40.18
C LYS D 44 -1.60 -7.12 39.10
N ALA D 45 -2.08 -7.12 37.88
CA ALA D 45 -1.30 -6.54 36.78
C ALA D 45 -0.87 -5.11 37.13
N ALA D 46 -1.82 -4.28 37.54
CA ALA D 46 -1.49 -2.90 37.89
C ALA D 46 -0.42 -2.86 38.98
N LYS D 47 -0.67 -3.53 40.11
CA LYS D 47 0.29 -3.53 41.21
C LYS D 47 1.64 -4.10 40.78
N SER D 48 1.67 -4.99 39.78
CA SER D 48 2.94 -5.53 39.31
C SER D 48 3.81 -4.48 38.64
N ILE D 49 3.20 -3.40 38.15
CA ILE D 49 3.92 -2.32 37.49
C ILE D 49 4.23 -1.18 38.45
N GLY D 50 3.30 -0.83 39.34
CA GLY D 50 3.56 0.25 40.28
C GLY D 50 2.41 0.46 41.24
N GLY D 51 2.55 1.51 42.07
CA GLY D 51 1.49 1.90 42.98
C GLY D 51 0.41 2.70 42.30
N THR D 52 -0.65 3.01 43.07
CA THR D 52 -1.77 3.77 42.52
C THR D 52 -1.39 5.21 42.18
N ASP D 53 -0.22 5.68 42.59
CA ASP D 53 0.23 7.00 42.17
C ASP D 53 0.60 7.05 40.69
N VAL D 54 0.85 5.90 40.05
CA VAL D 54 1.23 5.90 38.64
C VAL D 54 0.38 4.99 37.77
N ILE D 55 -0.31 3.99 38.31
CA ILE D 55 -1.07 3.06 37.47
C ILE D 55 -2.23 2.49 38.28
N ARG D 56 -3.39 2.37 37.63
CA ARG D 56 -4.59 1.83 38.25
C ARG D 56 -5.32 0.95 37.25
N PHE D 57 -6.08 -0.02 37.77
CA PHE D 57 -6.91 -0.88 36.94
C PHE D 57 -8.36 -0.43 37.01
N VAL D 58 -9.04 -0.46 35.86
CA VAL D 58 -10.47 -0.22 35.81
C VAL D 58 -11.12 -1.36 35.03
N GLN D 59 -12.08 -2.04 35.64
CA GLN D 59 -12.80 -3.09 34.94
C GLN D 59 -13.76 -2.46 33.93
N HIS D 60 -13.58 -2.80 32.66
CA HIS D 60 -14.38 -2.22 31.58
C HIS D 60 -14.24 -3.07 30.33
N ASP D 61 -15.38 -3.45 29.75
CA ASP D 61 -15.40 -4.12 28.45
C ASP D 61 -15.36 -3.05 27.36
N ALA D 62 -14.37 -3.13 26.48
CA ALA D 62 -14.20 -2.09 25.46
C ALA D 62 -15.43 -1.96 24.56
N SER D 63 -16.24 -3.01 24.44
CA SER D 63 -17.48 -2.96 23.66
C SER D 63 -18.61 -2.23 24.39
N ASP D 64 -18.41 -1.81 25.63
CA ASP D 64 -19.45 -1.19 26.46
C ASP D 64 -19.37 0.32 26.29
N GLU D 65 -20.30 0.87 25.50
CA GLU D 65 -20.24 2.28 25.14
C GLU D 65 -20.39 3.19 26.35
N ALA D 66 -21.40 2.95 27.18
CA ALA D 66 -21.64 3.81 28.33
C ALA D 66 -20.44 3.82 29.28
N GLY D 67 -19.79 2.67 29.44
CA GLY D 67 -18.63 2.58 30.32
C GLY D 67 -17.45 3.41 29.87
N TRP D 68 -17.39 3.77 28.59
CA TRP D 68 -16.28 4.57 28.09
C TRP D 68 -16.28 5.95 28.73
N THR D 69 -17.46 6.56 28.90
CA THR D 69 -17.50 7.86 29.56
C THR D 69 -17.06 7.76 31.01
N LYS D 70 -17.53 6.74 31.72
CA LYS D 70 -17.10 6.56 33.11
C LYS D 70 -15.61 6.30 33.20
N LEU D 71 -15.05 5.59 32.22
CA LEU D 71 -13.63 5.28 32.24
C LEU D 71 -12.77 6.53 32.10
N PHE D 72 -13.16 7.45 31.20
CA PHE D 72 -12.45 8.73 31.10
C PHE D 72 -12.60 9.53 32.40
N ASP D 73 -13.82 9.62 32.92
CA ASP D 73 -14.05 10.37 34.15
C ASP D 73 -13.19 9.83 35.29
N THR D 74 -13.13 8.50 35.43
CA THR D 74 -12.35 7.87 36.48
C THR D 74 -10.85 8.17 36.32
N THR D 75 -10.35 8.12 35.09
CA THR D 75 -8.93 8.36 34.86
C THR D 75 -8.55 9.81 35.16
N GLU D 76 -9.40 10.75 34.75
CA GLU D 76 -9.12 12.16 34.98
C GLU D 76 -9.21 12.53 36.46
N GLU D 77 -10.16 11.93 37.17
CA GLU D 77 -10.21 12.12 38.62
C GLU D 77 -8.91 11.67 39.27
N ALA D 78 -8.36 10.53 38.81
CA ALA D 78 -7.13 9.99 39.38
C ALA D 78 -5.92 10.82 39.01
N PHE D 79 -5.80 11.18 37.73
CA PHE D 79 -4.54 11.64 37.18
C PHE D 79 -4.62 12.96 36.43
N GLY D 80 -5.82 13.50 36.23
CA GLY D 80 -5.95 14.69 35.41
C GLY D 80 -6.26 14.34 33.98
N PRO D 81 -6.40 15.37 33.15
CA PRO D 81 -6.88 15.19 31.76
C PRO D 81 -6.13 14.12 30.99
N VAL D 82 -6.88 13.21 30.38
CA VAL D 82 -6.28 12.17 29.54
C VAL D 82 -5.58 12.80 28.35
N THR D 83 -4.36 12.31 28.04
CA THR D 83 -3.61 12.76 26.89
C THR D 83 -3.40 11.68 25.85
N THR D 84 -3.63 10.42 26.17
CA THR D 84 -3.15 9.31 25.37
C THR D 84 -4.14 8.18 25.50
N VAL D 85 -4.62 7.66 24.38
CA VAL D 85 -5.58 6.56 24.36
C VAL D 85 -4.98 5.47 23.48
N VAL D 86 -4.79 4.27 24.05
CA VAL D 86 -4.30 3.12 23.29
C VAL D 86 -5.45 2.12 23.22
N ASN D 87 -6.05 2.01 22.04
CA ASN D 87 -7.17 1.11 21.79
C ASN D 87 -6.59 -0.23 21.40
N ASN D 88 -6.27 -1.03 22.43
CA ASN D 88 -5.55 -2.28 22.27
C ASN D 88 -6.40 -3.53 22.49
N ALA D 89 -7.49 -3.46 23.26
CA ALA D 89 -8.35 -4.62 23.46
C ALA D 89 -8.77 -5.23 22.13
N GLY D 90 -8.68 -6.55 22.04
CA GLY D 90 -9.06 -7.22 20.82
C GLY D 90 -9.03 -8.72 21.00
N ILE D 91 -9.79 -9.40 20.12
CA ILE D 91 -9.92 -10.85 20.15
C ILE D 91 -9.87 -11.41 18.73
N ALA D 92 -9.63 -12.70 18.64
CA ALA D 92 -9.52 -13.38 17.36
C ALA D 92 -10.51 -14.54 17.31
N VAL D 93 -10.83 -14.96 16.08
CA VAL D 93 -11.73 -16.08 15.84
C VAL D 93 -11.16 -16.86 14.67
N SER D 94 -10.81 -18.12 14.90
CA SER D 94 -10.14 -18.91 13.86
C SER D 94 -11.19 -19.55 12.95
N LYS D 95 -11.74 -18.73 12.04
CA LYS D 95 -12.67 -19.19 11.03
C LYS D 95 -12.40 -18.46 9.72
N SER D 96 -12.49 -19.20 8.63
CA SER D 96 -12.56 -18.56 7.32
C SER D 96 -13.83 -17.71 7.23
N VAL D 97 -13.85 -16.80 6.25
CA VAL D 97 -15.09 -16.09 5.94
C VAL D 97 -16.23 -17.08 5.72
N GLU D 98 -15.95 -18.14 4.95
CA GLU D 98 -16.99 -19.11 4.61
C GLU D 98 -17.63 -19.74 5.85
N ASP D 99 -16.81 -20.04 6.87
CA ASP D 99 -17.22 -20.76 8.06
C ASP D 99 -17.58 -19.84 9.23
N THR D 100 -17.58 -18.53 9.04
CA THR D 100 -17.84 -17.61 10.14
C THR D 100 -19.33 -17.53 10.43
N THR D 101 -19.72 -17.77 11.68
CA THR D 101 -21.10 -17.59 12.05
C THR D 101 -21.39 -16.12 12.27
N THR D 102 -22.65 -15.74 12.06
CA THR D 102 -23.01 -14.35 12.27
C THR D 102 -22.79 -13.94 13.73
N GLU D 103 -23.00 -14.88 14.66
CA GLU D 103 -22.68 -14.64 16.07
C GLU D 103 -21.21 -14.29 16.26
N GLU D 104 -20.30 -15.08 15.67
CA GLU D 104 -18.87 -14.81 15.77
C GLU D 104 -18.50 -13.48 15.13
N TRP D 105 -19.09 -13.19 13.97
CA TRP D 105 -18.87 -11.93 13.27
C TRP D 105 -19.21 -10.73 14.14
N ARG D 106 -20.41 -10.72 14.71
CA ARG D 106 -20.83 -9.56 15.50
C ARG D 106 -20.04 -9.44 16.80
N LYS D 107 -19.72 -10.58 17.43
CA LYS D 107 -18.97 -10.53 18.68
C LYS D 107 -17.58 -9.93 18.46
N LEU D 108 -16.86 -10.45 17.47
CA LEU D 108 -15.50 -9.94 17.24
C LEU D 108 -15.53 -8.47 16.84
N LEU D 109 -16.47 -8.08 15.98
CA LEU D 109 -16.51 -6.68 15.56
C LEU D 109 -16.89 -5.76 16.72
N SER D 110 -17.68 -6.25 17.67
CA SER D 110 -18.10 -5.41 18.79
C SER D 110 -16.92 -5.03 19.67
N VAL D 111 -15.89 -5.87 19.71
CA VAL D 111 -14.69 -5.57 20.48
C VAL D 111 -13.67 -4.84 19.61
N ASN D 112 -13.24 -5.51 18.53
CA ASN D 112 -12.12 -5.03 17.73
C ASN D 112 -12.45 -3.77 16.95
N LEU D 113 -13.70 -3.58 16.55
CA LEU D 113 -14.05 -2.41 15.76
C LEU D 113 -14.86 -1.41 16.57
N ASP D 114 -15.98 -1.84 17.16
CA ASP D 114 -16.77 -0.92 17.97
C ASP D 114 -15.94 -0.31 19.09
N GLY D 115 -15.12 -1.12 19.77
CA GLY D 115 -14.34 -0.59 20.88
C GLY D 115 -13.37 0.48 20.43
N VAL D 116 -12.73 0.27 19.27
CA VAL D 116 -11.78 1.26 18.77
C VAL D 116 -12.50 2.52 18.33
N PHE D 117 -13.69 2.38 17.74
CA PHE D 117 -14.51 3.54 17.41
C PHE D 117 -14.88 4.32 18.65
N PHE D 118 -15.38 3.62 19.67
CA PHE D 118 -15.81 4.29 20.90
C PHE D 118 -14.64 5.06 21.53
N GLY D 119 -13.49 4.42 21.67
CA GLY D 119 -12.33 5.09 22.28
C GLY D 119 -11.79 6.22 21.44
N THR D 120 -11.79 6.05 20.11
CA THR D 120 -11.30 7.13 19.26
C THR D 120 -12.25 8.32 19.28
N ARG D 121 -13.55 8.05 19.12
CA ARG D 121 -14.52 9.14 19.10
C ARG D 121 -14.49 9.92 20.41
N LEU D 122 -14.55 9.22 21.55
CA LEU D 122 -14.54 9.92 22.83
C LEU D 122 -13.18 10.55 23.11
N GLY D 123 -12.09 9.88 22.72
CA GLY D 123 -10.78 10.47 22.90
C GLY D 123 -10.64 11.81 22.21
N ILE D 124 -11.12 11.91 20.97
CA ILE D 124 -11.11 13.19 20.28
C ILE D 124 -11.94 14.21 21.06
N GLN D 125 -13.14 13.83 21.47
CA GLN D 125 -14.02 14.78 22.14
C GLN D 125 -13.40 15.30 23.43
N ARG D 126 -12.72 14.42 24.17
CA ARG D 126 -12.20 14.76 25.50
C ARG D 126 -10.81 15.39 25.47
N MET D 127 -10.05 15.22 24.38
CA MET D 127 -8.66 15.68 24.39
C MET D 127 -8.40 16.84 23.45
N LYS D 128 -9.31 17.15 22.54
CA LYS D 128 -9.06 18.20 21.56
C LYS D 128 -8.94 19.56 22.24
N ASN D 129 -8.13 20.43 21.64
CA ASN D 129 -8.12 21.85 21.95
C ASN D 129 -7.65 22.15 23.37
N LYS D 130 -6.81 21.27 23.93
CA LYS D 130 -6.31 21.49 25.29
C LYS D 130 -4.79 21.55 25.33
N GLY D 131 -4.13 21.63 24.18
CA GLY D 131 -2.68 21.73 24.14
C GLY D 131 -1.97 20.59 24.81
N LEU D 132 -2.53 19.37 24.76
CA LEU D 132 -2.01 18.24 25.51
C LEU D 132 -0.98 17.42 24.75
N GLY D 133 -0.74 17.72 23.48
CA GLY D 133 0.03 16.80 22.66
C GLY D 133 -0.61 15.43 22.67
N ALA D 134 -1.92 15.39 22.43
CA ALA D 134 -2.68 14.15 22.58
C ALA D 134 -2.40 13.17 21.45
N SER D 135 -2.49 11.89 21.75
CA SER D 135 -2.16 10.84 20.80
C SER D 135 -3.08 9.65 21.01
N ILE D 136 -3.77 9.25 19.94
CA ILE D 136 -4.61 8.06 19.94
C ILE D 136 -3.90 7.00 19.12
N ILE D 137 -3.62 5.85 19.73
CA ILE D 137 -2.85 4.78 19.09
C ILE D 137 -3.78 3.59 18.98
N ASN D 138 -4.12 3.21 17.74
CA ASN D 138 -5.11 2.17 17.51
C ASN D 138 -4.40 0.91 17.06
N MET D 139 -4.66 -0.20 17.75
CA MET D 139 -3.93 -1.44 17.52
C MET D 139 -4.57 -2.18 16.36
N SER D 140 -3.92 -2.13 15.21
CA SER D 140 -4.35 -2.94 14.08
C SER D 140 -3.54 -4.22 14.12
N SER D 141 -3.01 -4.64 12.96
CA SER D 141 -2.24 -5.88 12.86
C SER D 141 -1.67 -5.93 11.46
N ILE D 142 -0.69 -6.82 11.24
CA ILE D 142 -0.41 -7.22 9.87
C ILE D 142 -1.69 -7.72 9.20
N GLU D 143 -2.64 -8.23 9.99
CA GLU D 143 -3.90 -8.69 9.43
C GLU D 143 -4.82 -7.55 9.05
N GLY D 144 -4.41 -6.30 9.25
CA GLY D 144 -5.07 -5.20 8.60
C GLY D 144 -4.42 -4.80 7.28
N LEU D 145 -3.34 -5.48 6.90
CA LEU D 145 -2.57 -5.20 5.70
C LEU D 145 -2.65 -6.31 4.67
N VAL D 146 -2.67 -7.55 5.13
CA VAL D 146 -2.79 -8.72 4.28
C VAL D 146 -3.88 -9.60 4.84
N GLY D 147 -4.40 -10.48 4.00
CA GLY D 147 -5.43 -11.39 4.43
C GLY D 147 -4.88 -12.66 5.04
N ASP D 148 -5.73 -13.33 5.80
CA ASP D 148 -5.41 -14.65 6.28
C ASP D 148 -6.64 -15.51 6.08
N PRO D 149 -6.50 -16.67 5.43
CA PRO D 149 -7.68 -17.46 5.06
C PRO D 149 -8.49 -17.94 6.25
N THR D 150 -7.91 -18.02 7.45
CA THR D 150 -8.62 -18.53 8.59
C THR D 150 -8.92 -17.46 9.65
N GLN D 151 -8.88 -16.18 9.30
N GLN D 151 -8.95 -16.19 9.24
CA GLN D 151 -9.26 -15.13 10.25
CA GLN D 151 -9.14 -15.06 10.14
C GLN D 151 -10.05 -14.03 9.52
C GLN D 151 -10.03 -14.01 9.49
N GLY D 152 -11.15 -14.44 8.90
CA GLY D 152 -11.92 -13.53 8.06
C GLY D 152 -12.49 -12.33 8.80
N ALA D 153 -13.19 -12.57 9.91
CA ALA D 153 -13.77 -11.46 10.67
C ALA D 153 -12.68 -10.57 11.24
N TYR D 154 -11.60 -11.18 11.74
CA TYR D 154 -10.46 -10.42 12.27
C TYR D 154 -9.89 -9.49 11.20
N ASN D 155 -9.68 -10.03 9.99
CA ASN D 155 -9.21 -9.22 8.88
C ASN D 155 -10.13 -8.01 8.65
N ALA D 156 -11.43 -8.26 8.62
CA ALA D 156 -12.37 -7.15 8.45
C ALA D 156 -12.16 -6.11 9.54
N SER D 157 -12.04 -6.55 10.80
CA SER D 157 -11.90 -5.60 11.90
C SER D 157 -10.61 -4.80 11.77
N LYS D 158 -9.50 -5.47 11.45
CA LYS D 158 -8.22 -4.80 11.44
C LYS D 158 -8.06 -3.87 10.23
N GLY D 159 -8.72 -4.19 9.11
CA GLY D 159 -8.72 -3.27 7.98
C GLY D 159 -9.60 -2.05 8.24
N ALA D 160 -10.73 -2.25 8.93
CA ALA D 160 -11.55 -1.12 9.33
C ALA D 160 -10.77 -0.16 10.23
N VAL D 161 -10.08 -0.69 11.24
CA VAL D 161 -9.33 0.17 12.15
C VAL D 161 -8.26 0.95 11.38
N ARG D 162 -7.61 0.29 10.42
CA ARG D 162 -6.57 0.93 9.63
C ARG D 162 -7.08 2.21 8.95
N ILE D 163 -8.22 2.14 8.27
CA ILE D 163 -8.65 3.28 7.47
C ILE D 163 -9.48 4.26 8.31
N MET D 164 -10.30 3.76 9.25
CA MET D 164 -11.01 4.66 10.15
C MET D 164 -10.05 5.58 10.89
N SER D 165 -8.88 5.08 11.29
CA SER D 165 -7.92 5.91 12.00
C SER D 165 -7.39 7.05 11.14
N LYS D 166 -7.24 6.81 9.83
CA LYS D 166 -6.83 7.89 8.92
C LYS D 166 -7.88 8.99 8.84
N SER D 167 -9.17 8.62 8.82
CA SER D 167 -10.23 9.63 8.85
C SER D 167 -10.10 10.52 10.09
N ALA D 168 -9.98 9.91 11.26
CA ALA D 168 -9.83 10.66 12.50
C ALA D 168 -8.59 11.53 12.47
N ALA D 169 -7.45 10.99 12.02
CA ALA D 169 -6.23 11.78 11.99
C ALA D 169 -6.39 13.02 11.12
N LEU D 170 -7.02 12.87 9.96
CA LEU D 170 -7.18 14.00 9.06
C LEU D 170 -8.08 15.06 9.66
N ASP D 171 -9.22 14.66 10.21
CA ASP D 171 -10.12 15.63 10.81
C ASP D 171 -9.44 16.37 11.96
N CYS D 172 -8.73 15.63 12.83
CA CYS D 172 -8.02 16.26 13.94
C CYS D 172 -6.95 17.22 13.43
N ALA D 173 -6.26 16.84 12.37
CA ALA D 173 -5.20 17.70 11.84
C ALA D 173 -5.79 18.97 11.24
N LEU D 174 -6.82 18.81 10.41
CA LEU D 174 -7.42 19.94 9.69
C LEU D 174 -8.06 20.96 10.64
N LYS D 175 -8.61 20.49 11.77
CA LYS D 175 -9.25 21.36 12.75
C LYS D 175 -8.31 21.82 13.85
N ASP D 176 -7.01 21.51 13.75
CA ASP D 176 -5.99 21.96 14.70
C ASP D 176 -6.31 21.52 16.12
N TYR D 177 -6.77 20.28 16.26
CA TYR D 177 -7.22 19.76 17.55
C TYR D 177 -6.07 19.43 18.50
N ASP D 178 -4.83 19.33 18.02
CA ASP D 178 -3.70 18.84 18.81
C ASP D 178 -3.97 17.41 19.30
N VAL D 179 -4.47 16.58 18.39
CA VAL D 179 -4.71 15.16 18.62
C VAL D 179 -4.19 14.43 17.38
N ARG D 180 -3.26 13.50 17.58
CA ARG D 180 -2.79 12.67 16.48
C ARG D 180 -3.43 11.29 16.58
N VAL D 181 -3.59 10.63 15.43
CA VAL D 181 -4.14 9.26 15.38
C VAL D 181 -3.26 8.44 14.45
N ASN D 182 -2.74 7.31 14.95
CA ASN D 182 -1.95 6.39 14.14
C ASN D 182 -2.35 4.96 14.47
N THR D 183 -1.95 4.03 13.60
CA THR D 183 -2.17 2.61 13.82
C THR D 183 -0.85 1.87 13.94
N VAL D 184 -0.83 0.85 14.81
CA VAL D 184 0.31 -0.03 14.96
C VAL D 184 -0.09 -1.39 14.41
N HIS D 185 0.82 -2.02 13.70
CA HIS D 185 0.55 -3.28 13.01
C HIS D 185 1.59 -4.30 13.46
N PRO D 186 1.36 -4.96 14.59
CA PRO D 186 2.29 -6.02 14.99
C PRO D 186 2.17 -7.21 14.04
N GLY D 187 3.29 -7.87 13.82
CA GLY D 187 3.27 -9.23 13.35
C GLY D 187 3.03 -10.13 14.55
N PRO D 188 3.39 -11.41 14.45
CA PRO D 188 3.11 -12.34 15.56
C PRO D 188 3.95 -11.98 16.78
N ILE D 189 3.28 -11.91 17.92
CA ILE D 189 3.89 -11.58 19.21
C ILE D 189 3.54 -12.68 20.20
N LYS D 190 4.51 -13.14 20.99
CA LYS D 190 4.22 -14.11 22.04
C LYS D 190 3.34 -13.46 23.11
N THR D 191 2.04 -13.83 23.14
CA THR D 191 1.06 -13.36 24.11
C THR D 191 0.09 -14.48 24.46
N PRO D 192 -0.75 -14.31 25.49
CA PRO D 192 -1.84 -15.28 25.72
C PRO D 192 -2.73 -15.52 24.51
N LEU D 193 -3.05 -14.47 23.73
CA LEU D 193 -3.80 -14.66 22.49
C LEU D 193 -3.15 -15.71 21.60
N VAL D 194 -1.82 -15.67 21.48
CA VAL D 194 -1.13 -16.65 20.65
C VAL D 194 -0.91 -17.95 21.44
N ASP D 195 -0.51 -17.83 22.71
CA ASP D 195 -0.22 -19.02 23.52
C ASP D 195 -1.42 -19.96 23.62
N ASP D 196 -2.62 -19.41 23.72
CA ASP D 196 -3.84 -20.21 23.84
C ASP D 196 -4.22 -20.91 22.53
N LEU D 197 -3.52 -20.62 21.44
CA LEU D 197 -3.82 -21.19 20.14
C LEU D 197 -2.79 -22.28 19.83
N GLU D 198 -3.23 -23.54 19.85
CA GLU D 198 -2.29 -24.64 19.70
C GLU D 198 -1.70 -24.63 18.30
N GLY D 199 -0.37 -24.61 18.23
CA GLY D 199 0.35 -24.62 16.98
C GLY D 199 0.63 -23.26 16.39
N ALA D 200 0.18 -22.17 17.03
CA ALA D 200 0.24 -20.86 16.39
C ALA D 200 1.66 -20.31 16.36
N GLU D 201 2.36 -20.36 17.49
CA GLU D 201 3.76 -19.90 17.50
C GLU D 201 4.64 -20.71 16.56
N GLU D 202 4.49 -22.05 16.56
CA GLU D 202 5.27 -22.86 15.62
C GLU D 202 4.97 -22.48 14.17
N MET D 203 3.70 -22.23 13.88
CA MET D 203 3.30 -21.89 12.52
C MET D 203 3.81 -20.52 12.11
N MET D 204 3.66 -19.53 12.97
CA MET D 204 4.08 -18.17 12.62
C MET D 204 5.60 -18.02 12.57
N SER D 205 6.35 -18.95 13.18
CA SER D 205 7.81 -18.85 13.19
C SER D 205 8.45 -19.42 11.93
N GLN D 206 7.69 -20.10 11.07
CA GLN D 206 8.25 -20.58 9.82
C GLN D 206 8.75 -19.41 9.00
N ARG D 207 9.86 -19.62 8.29
CA ARG D 207 10.47 -18.53 7.54
C ARG D 207 9.56 -18.03 6.43
N THR D 208 8.67 -18.89 5.90
CA THR D 208 7.70 -18.45 4.90
C THR D 208 6.63 -17.56 5.49
N LYS D 209 6.54 -17.49 6.81
CA LYS D 209 5.62 -16.59 7.47
C LYS D 209 6.39 -15.37 7.99
N THR D 210 7.21 -15.56 9.04
CA THR D 210 8.04 -14.48 9.57
C THR D 210 9.50 -14.68 9.17
N PRO D 211 10.05 -13.83 8.30
CA PRO D 211 11.42 -14.08 7.82
C PRO D 211 12.47 -14.14 8.91
N MET D 212 12.23 -13.48 10.05
CA MET D 212 13.20 -13.56 11.13
C MET D 212 13.23 -14.93 11.79
N GLY D 213 12.26 -15.79 11.49
CA GLY D 213 12.28 -17.15 12.02
C GLY D 213 11.87 -17.28 13.47
N HIS D 214 11.18 -16.29 14.02
CA HIS D 214 10.68 -16.32 15.39
C HIS D 214 9.63 -15.23 15.51
N ILE D 215 8.81 -15.32 16.54
CA ILE D 215 7.80 -14.27 16.72
C ILE D 215 8.36 -13.24 17.69
N GLY D 216 7.69 -12.09 17.80
CA GLY D 216 8.18 -11.01 18.64
C GLY D 216 7.78 -11.20 20.09
N GLU D 217 8.03 -10.15 20.86
CA GLU D 217 7.67 -10.11 22.27
C GLU D 217 6.92 -8.83 22.56
N PRO D 218 6.14 -8.78 23.64
CA PRO D 218 5.30 -7.60 23.91
C PRO D 218 6.07 -6.28 23.93
N ASN D 219 7.28 -6.26 24.46
CA ASN D 219 8.02 -4.99 24.47
C ASN D 219 8.28 -4.45 23.07
N ASP D 220 8.33 -5.32 22.05
CA ASP D 220 8.52 -4.83 20.68
C ASP D 220 7.40 -3.89 20.28
N ILE D 221 6.19 -4.14 20.77
CA ILE D 221 5.10 -3.21 20.47
C ILE D 221 5.08 -2.06 21.47
N ALA D 222 5.45 -2.31 22.72
CA ALA D 222 5.52 -1.24 23.71
C ALA D 222 6.38 -0.08 23.21
N TRP D 223 7.56 -0.37 22.67
CA TRP D 223 8.47 0.72 22.35
C TRP D 223 7.98 1.57 21.17
N ILE D 224 7.31 0.98 20.18
CA ILE D 224 6.76 1.85 19.14
C ILE D 224 5.63 2.67 19.69
N CYS D 225 4.87 2.14 20.67
CA CYS D 225 3.80 2.93 21.26
C CYS D 225 4.36 4.09 22.10
N VAL D 226 5.49 3.88 22.78
CA VAL D 226 6.11 4.99 23.50
C VAL D 226 6.47 6.10 22.54
N TYR D 227 7.05 5.75 21.39
CA TYR D 227 7.37 6.73 20.36
C TYR D 227 6.12 7.50 19.94
N LEU D 228 5.03 6.78 19.67
CA LEU D 228 3.83 7.42 19.16
C LEU D 228 3.10 8.23 20.24
N ALA D 229 3.20 7.83 21.51
CA ALA D 229 2.59 8.62 22.57
C ALA D 229 3.38 9.88 22.90
N SER D 230 4.67 9.90 22.61
CA SER D 230 5.53 11.02 22.99
C SER D 230 5.45 12.14 21.96
N ASP D 231 5.87 13.34 22.40
CA ASP D 231 5.94 14.48 21.50
C ASP D 231 7.03 14.32 20.45
N GLU D 232 7.91 13.31 20.58
CA GLU D 232 8.86 13.01 19.51
C GLU D 232 8.18 12.79 18.17
N SER D 233 6.93 12.31 18.19
CA SER D 233 6.20 11.98 16.98
C SER D 233 5.18 13.04 16.60
N LYS D 234 5.42 14.30 16.98
CA LYS D 234 4.42 15.35 16.80
C LYS D 234 4.08 15.65 15.35
N PHE D 235 4.85 15.14 14.38
CA PHE D 235 4.55 15.28 12.96
C PHE D 235 4.06 13.99 12.34
N ALA D 236 3.84 12.93 13.13
CA ALA D 236 3.33 11.66 12.61
C ALA D 236 1.84 11.58 12.91
N THR D 237 1.03 11.48 11.86
CA THR D 237 -0.41 11.24 12.06
C THR D 237 -0.97 10.59 10.79
N GLY D 238 -1.99 9.76 11.00
CA GLY D 238 -2.62 9.03 9.90
C GLY D 238 -1.78 7.92 9.28
N ALA D 239 -0.72 7.48 9.94
CA ALA D 239 0.26 6.55 9.39
C ALA D 239 0.24 5.21 10.10
N GLU D 240 0.90 4.24 9.48
CA GLU D 240 0.89 2.83 9.88
C GLU D 240 2.31 2.41 10.28
N PHE D 241 2.45 1.91 11.51
CA PHE D 241 3.75 1.56 12.06
C PHE D 241 3.79 0.04 12.25
N VAL D 242 4.61 -0.62 11.42
CA VAL D 242 4.60 -2.06 11.24
C VAL D 242 5.83 -2.65 11.90
N VAL D 243 5.61 -3.53 12.88
CA VAL D 243 6.69 -4.16 13.63
C VAL D 243 6.39 -5.66 13.58
N ASP D 244 6.95 -6.34 12.57
CA ASP D 244 6.45 -7.67 12.21
C ASP D 244 7.50 -8.67 11.75
N GLY D 245 8.77 -8.45 12.07
CA GLY D 245 9.79 -9.41 11.67
C GLY D 245 9.94 -9.62 10.20
N GLY D 246 9.41 -8.70 9.37
CA GLY D 246 9.48 -8.83 7.93
C GLY D 246 8.29 -9.53 7.28
N TYR D 247 7.25 -9.88 8.05
CA TYR D 247 6.13 -10.67 7.54
C TYR D 247 5.53 -10.05 6.27
N THR D 248 5.28 -8.75 6.28
CA THR D 248 4.60 -8.09 5.18
C THR D 248 5.56 -7.53 4.13
N ALA D 249 6.86 -7.68 4.32
CA ALA D 249 7.84 -7.25 3.34
C ALA D 249 7.99 -8.23 2.18
N GLN D 250 7.49 -9.45 2.31
CA GLN D 250 7.60 -10.46 1.24
C GLN D 250 6.20 -10.80 0.75
C01 J69 E . 10.84 14.18 -0.47
C02 J69 E . 10.16 15.26 -0.58
C03 J69 E . 8.72 15.25 -0.15
C04 J69 E . 10.81 16.53 -1.09
C06 J69 E . 10.87 18.82 -1.86
O05 J69 E . 10.18 17.77 -1.23
O07 J69 E . 11.94 16.40 -1.37
PA NAP F . 19.47 19.13 2.33
O1A NAP F . 18.94 20.09 3.36
O2A NAP F . 19.80 19.57 0.93
O5B NAP F . 20.79 18.44 2.94
C5B NAP F . 21.48 17.52 2.12
C4B NAP F . 22.70 16.97 2.83
O4B NAP F . 23.27 16.00 1.96
C3B NAP F . 23.79 18.01 3.03
O3B NAP F . 24.59 17.59 4.13
C2B NAP F . 24.63 17.91 1.77
O2B NAP F . 25.98 18.31 2.00
C1B NAP F . 24.56 16.42 1.52
N9A NAP F . 24.74 15.98 0.13
C8A NAP F . 24.21 16.49 -1.01
N7A NAP F . 24.62 15.77 -2.08
C5A NAP F . 25.44 14.79 -1.63
C6A NAP F . 26.22 13.68 -2.22
N6A NAP F . 26.24 13.44 -3.55
N1A NAP F . 26.93 12.91 -1.37
C2A NAP F . 26.94 13.11 -0.06
N3A NAP F . 26.24 14.09 0.57
C4A NAP F . 25.51 14.95 -0.18
O3 NAP F . 18.52 17.83 2.15
PN NAP F . 17.40 17.32 3.19
O1N NAP F . 16.11 18.03 2.84
O2N NAP F . 17.94 17.32 4.60
O5D NAP F . 17.22 15.81 2.63
C5D NAP F . 17.83 14.69 3.28
C4D NAP F . 17.20 13.42 2.71
O4D NAP F . 15.82 13.40 3.09
C3D NAP F . 17.24 13.33 1.19
O3D NAP F . 17.39 11.93 0.85
C2D NAP F . 15.85 13.75 0.77
O2D NAP F . 15.47 13.13 -0.45
C1D NAP F . 15.00 13.24 1.92
N1N NAP F . 13.73 13.94 2.14
C2N NAP F . 13.65 15.28 2.37
C3N NAP F . 12.40 15.88 2.60
C7N NAP F . 12.24 17.36 2.85
O7N NAP F . 11.11 17.84 2.80
N7N NAP F . 13.29 18.11 3.17
C4N NAP F . 11.24 15.10 2.60
C5N NAP F . 11.36 13.73 2.39
C6N NAP F . 12.62 13.18 2.16
P2B NAP F . 26.89 18.86 0.78
O1X NAP F . 26.00 19.88 0.11
O2X NAP F . 28.14 19.37 1.42
O3X NAP F . 27.14 17.64 -0.08
MG MG G . -3.22 11.20 -1.43
C01 J69 H . -16.49 6.42 -2.30
C02 J69 H . -16.53 7.71 -2.48
C03 J69 H . -15.43 8.47 -3.18
C04 J69 H . -17.75 8.46 -2.01
C06 J69 H . -18.99 10.42 -1.55
O05 J69 H . -17.89 9.84 -2.19
O07 J69 H . -18.57 7.82 -1.54
PA NAP I . -26.34 5.15 -5.53
O1A NAP I . -26.37 5.95 -6.80
O2A NAP I . -26.90 5.71 -4.24
O5B NAP I . -27.07 3.75 -5.83
C5B NAP I . -27.18 2.84 -4.75
C4B NAP I . -27.95 1.62 -5.21
O4B NAP I . -27.99 0.77 -4.07
C3B NAP I . -29.39 1.92 -5.54
O3B NAP I . -29.86 0.92 -6.44
C2B NAP I . -30.14 1.70 -4.24
O2B NAP I . -31.49 1.33 -4.47
C1B NAP I . -29.36 0.54 -3.70
N9A NAP I . -29.36 0.38 -2.23
C8A NAP I . -29.19 1.33 -1.30
N7A NAP I . -29.22 0.77 -0.06
C5A NAP I . -29.43 -0.56 -0.22
C6A NAP I . -29.57 -1.73 0.67
N6A NAP I . -29.50 -1.59 2.03
N1A NAP I . -29.76 -2.93 0.10
C2A NAP I . -29.82 -3.08 -1.24
N3A NAP I . -29.71 -2.06 -2.12
C4A NAP I . -29.51 -0.81 -1.66
O3 NAP I . -24.85 4.66 -5.12
PN NAP I . -23.50 4.62 -6.02
O1N NAP I . -22.81 5.96 -5.96
O2N NAP I . -23.82 4.02 -7.37
O5D NAP I . -22.66 3.55 -5.14
C5D NAP I . -22.58 2.16 -5.46
C4D NAP I . -21.44 1.51 -4.64
O4D NAP I . -20.18 2.03 -5.06
C3D NAP I . -21.52 1.75 -3.14
O3D NAP I . -20.90 0.62 -2.47
C2D NAP I . -20.59 2.92 -2.90
O2D NAP I . -20.06 2.88 -1.56
C1D NAP I . -19.52 2.65 -3.95
N1N NAP I . -18.79 3.83 -4.42
C2N NAP I . -19.41 4.90 -4.97
C3N NAP I . -18.67 5.99 -5.42
C7N NAP I . -19.30 7.22 -6.03
O7N NAP I . -18.64 8.25 -6.06
N7N NAP I . -20.54 7.17 -6.55
C4N NAP I . -17.28 5.97 -5.34
C5N NAP I . -16.67 4.85 -4.79
C6N NAP I . -17.45 3.79 -4.33
P2B NAP I . -32.61 1.67 -3.35
O1X NAP I . -32.27 3.06 -2.88
O2X NAP I . -33.91 1.58 -4.11
O3X NAP I . -32.39 0.59 -2.31
C01 J69 J . 8.54 -10.49 -11.78
C02 J69 J . 8.70 -11.69 -11.29
C03 J69 J . 7.80 -12.31 -10.29
C04 J69 J . 9.86 -12.54 -11.75
C06 J69 J . 11.30 -14.42 -11.64
O05 J69 J . 10.09 -13.82 -11.25
O07 J69 J . 10.55 -12.06 -12.53
PA NAP K . 10.83 -12.93 -21.37
O1A NAP K . 9.99 -14.19 -21.45
O2A NAP K . 12.32 -13.02 -21.13
O5B NAP K . 10.59 -12.04 -22.68
C5B NAP K . 11.35 -10.84 -22.80
C4B NAP K . 11.09 -10.15 -24.12
O4B NAP K . 11.78 -8.90 -24.08
C3B NAP K . 11.69 -10.91 -25.28
O3B NAP K . 10.95 -10.53 -26.44
C2B NAP K . 13.09 -10.33 -25.43
O2B NAP K . 13.57 -10.45 -26.77
C1B NAP K . 12.81 -8.88 -25.08
N9A NAP K . 13.97 -8.13 -24.54
C8A NAP K . 14.86 -8.54 -23.61
N7A NAP K . 15.77 -7.55 -23.37
C5A NAP K . 15.45 -6.49 -24.15
C6A NAP K . 15.97 -5.13 -24.37
N6A NAP K . 17.07 -4.69 -23.70
N1A NAP K . 15.32 -4.34 -25.26
C2A NAP K . 14.23 -4.78 -25.93
N3A NAP K . 13.69 -6.00 -25.77
C4A NAP K . 14.26 -6.88 -24.91
O3 NAP K . 10.26 -11.94 -20.22
PN NAP K . 8.77 -12.02 -19.61
O1N NAP K . 8.74 -13.01 -18.47
O2N NAP K . 7.80 -12.13 -20.77
O5D NAP K . 8.72 -10.54 -18.95
C5D NAP K . 8.11 -9.42 -19.58
C4D NAP K . 8.03 -8.27 -18.56
O4D NAP K . 7.14 -8.62 -17.50
C3D NAP K . 9.36 -7.94 -17.90
O3D NAP K . 9.39 -6.53 -17.63
C2D NAP K . 9.32 -8.64 -16.57
O2D NAP K . 10.14 -7.94 -15.62
C1D NAP K . 7.83 -8.57 -16.24
N1N NAP K . 7.33 -9.66 -15.38
C2N NAP K . 7.50 -10.96 -15.68
C3N NAP K . 6.99 -11.94 -14.83
C7N NAP K . 7.16 -13.41 -15.12
O7N NAP K . 6.93 -14.23 -14.24
N7N NAP K . 7.55 -13.76 -16.34
C4N NAP K . 6.29 -11.58 -13.69
C5N NAP K . 6.12 -10.24 -13.41
C6N NAP K . 6.65 -9.29 -14.28
P2B NAP K . 15.17 -10.34 -27.06
O1X NAP K . 15.80 -11.24 -26.01
O2X NAP K . 15.32 -10.85 -28.48
O3X NAP K . 15.45 -8.86 -26.91
MG MG L . 3.12 -11.12 1.52
C01 J69 M . -2.80 -9.77 14.38
C02 J69 M . -2.88 -10.95 14.73
C03 J69 M . -3.90 -11.46 15.71
C04 J69 M . -1.99 -11.98 14.22
C06 J69 M . -2.05 -14.27 13.90
O05 J69 M . -2.14 -13.23 14.83
O07 J69 M . -1.24 -11.73 13.36
PA NAP N . -4.14 -11.08 24.63
O1A NAP N . -2.80 -11.66 25.03
O2A NAP N . -5.35 -11.97 24.50
O5B NAP N . -4.52 -9.96 25.70
C5B NAP N . -5.80 -9.34 25.59
C4B NAP N . -5.99 -8.27 26.64
O4B NAP N . -7.21 -7.61 26.35
C3B NAP N . -6.16 -8.87 28.02
O3B NAP N . -5.76 -7.87 28.98
C2B NAP N . -7.66 -9.07 28.14
O2B NAP N . -8.09 -9.09 29.50
C1B NAP N . -8.13 -7.83 27.44
N9A NAP N . -9.47 -7.93 26.84
C8A NAP N . -9.97 -8.96 26.12
N7A NAP N . -11.23 -8.68 25.72
C5A NAP N . -11.55 -7.46 26.18
C6A NAP N . -12.71 -6.58 26.10
N6A NAP N . -13.82 -6.98 25.43
N1A NAP N . -12.63 -5.39 26.73
C2A NAP N . -11.52 -4.99 27.39
N3A NAP N . -10.40 -5.75 27.49
C4A NAP N . -10.37 -6.97 26.92
O3 NAP N . -4.04 -10.22 23.27
PN NAP N . -2.69 -9.61 22.62
O1N NAP N . -2.05 -10.65 21.74
O2N NAP N . -1.91 -8.92 23.72
O5D NAP N . -3.35 -8.54 21.60
C5D NAP N . -3.54 -7.16 21.93
C4D NAP N . -3.90 -6.44 20.64
O4D NAP N . -2.86 -6.66 19.69
C3D NAP N . -5.20 -6.95 20.02
O3D NAP N . -5.94 -5.84 19.45
C2D NAP N . -4.71 -7.85 18.91
O2D NAP N . -5.65 -7.94 17.84
C1D NAP N . -3.43 -7.15 18.48
N1N NAP N . -2.43 -7.99 17.83
C2N NAP N . -1.89 -9.07 18.45
C3N NAP N . -0.92 -9.81 17.77
C7N NAP N . -0.28 -11.03 18.39
O7N NAP N . 0.37 -11.77 17.67
N7N NAP N . -0.39 -11.29 19.70
C4N NAP N . -0.49 -9.43 16.52
C5N NAP N . -1.06 -8.30 15.92
C6N NAP N . -2.03 -7.60 16.62
P2B NAP N . -9.47 -9.82 29.91
O1X NAP N . -9.49 -11.11 29.14
O2X NAP N . -9.32 -9.96 31.40
O3X NAP N . -10.58 -8.85 29.52
#